data_4UFX
#
_entry.id   4UFX
#
_cell.length_a   57.328
_cell.length_b   118.891
_cell.length_c   174.895
_cell.angle_alpha   90.00
_cell.angle_beta   90.00
_cell.angle_gamma   90.00
#
_symmetry.space_group_name_H-M   'P 21 21 21'
#
loop_
_entity.id
_entity.type
_entity.pdbx_description
1 polymer 'GLYCYLPEPTIDE N-TETRADECANOYLTRANSFERASE'
2 non-polymer N-[2-(3-methoxyphenyl)ethanimidoyl]-2-piperidin-4-yloxy-pyridine-3-carboxamide
3 non-polymer 2-oxopentadecyl-CoA
4 non-polymer 'SULFATE ION'
5 non-polymer 'MAGNESIUM ION'
6 non-polymer 'CHLORIDE ION'
7 non-polymer 'DIMETHYL SULFOXIDE'
8 water water
#
_entity_poly.entity_id   1
_entity_poly.type   'polypeptide(L)'
_entity_poly.pdbx_seq_one_letter_code
;MDYKFWYTQPVPKINDEFNESVNEPFISDNKVEDVRKDEYKLPPGYSWYVCDVKDEKDRSEIYTLLTDNYVEDDDNIFRF
NYSAEFLLWALTSPNYLKTWHIGVKYDASNKLIGFISAIPTDICIHKRTIKMAEVNFLCVHKTLRSKRLAPVLIKEITRR
INLENIWQAIYTAGVYLPKPVSDARYYHRSINVKKLIEIGFSSLNSRLTMSRAIKLYRVEDTLNIKNMRLMKKKDVEGVH
KLLGSYLEQFNLYAVFTKEEIAHWFLPIENVIYTYVNEENGKIKDMISFYSLPSQILGNDKYSTLNAAYSFYNVTTTATF
KQLMQDAILLAKRNNFDVFNALEVMQNKSVFEDLKFGEGDGSLKYYLYNWKCASFAPAHVGIVLL
;
_entity_poly.pdbx_strand_id   A,B,C
#
loop_
_chem_comp.id
_chem_comp.type
_chem_comp.name
_chem_comp.formula
80O non-polymer N-[2-(3-methoxyphenyl)ethanimidoyl]-2-piperidin-4-yloxy-pyridine-3-carboxamide 'C20 H24 N4 O3'
CL non-polymer 'CHLORIDE ION' 'Cl -1'
DMS non-polymer 'DIMETHYL SULFOXIDE' 'C2 H6 O S'
MG non-polymer 'MAGNESIUM ION' 'Mg 2'
NHW non-polymer 2-oxopentadecyl-CoA 'C36 H64 N7 O17 P3 S'
SO4 non-polymer 'SULFATE ION' 'O4 S -2'
#
# COMPACT_ATOMS: atom_id res chain seq x y z
N MET A 1 -6.39 -7.71 39.63
CA MET A 1 -5.04 -8.33 39.49
C MET A 1 -3.94 -7.35 39.96
N ASP A 2 -3.03 -7.81 40.82
CA ASP A 2 -1.96 -6.94 41.29
C ASP A 2 -0.70 -7.03 40.40
N TYR A 3 -0.62 -8.08 39.56
CA TYR A 3 0.60 -8.38 38.76
C TYR A 3 1.93 -8.20 39.47
N LYS A 4 2.11 -8.90 40.61
CA LYS A 4 3.27 -8.68 41.42
C LYS A 4 4.57 -9.15 40.71
N PHE A 5 4.48 -10.17 39.83
CA PHE A 5 5.69 -10.49 39.03
C PHE A 5 5.84 -9.54 37.82
N TRP A 6 4.76 -9.38 37.06
CA TRP A 6 4.90 -8.63 35.82
C TRP A 6 5.30 -7.19 36.06
N TYR A 7 4.85 -6.61 37.18
CA TYR A 7 5.23 -5.23 37.45
C TYR A 7 6.72 -5.02 37.75
N THR A 8 7.52 -6.10 38.00
CA THR A 8 8.98 -6.00 38.09
C THR A 8 9.73 -6.04 36.75
N GLN A 9 8.95 -6.34 35.69
CA GLN A 9 9.55 -6.58 34.41
C GLN A 9 9.42 -5.32 33.50
N PRO A 10 10.30 -5.23 32.49
CA PRO A 10 10.22 -4.12 31.47
C PRO A 10 9.07 -4.34 30.47
N VAL A 11 7.84 -4.19 30.95
CA VAL A 11 6.62 -4.22 30.12
C VAL A 11 5.75 -3.07 30.63
N PRO A 12 4.74 -2.70 29.81
CA PRO A 12 3.90 -1.55 30.23
C PRO A 12 3.06 -1.88 31.45
N LYS A 13 2.83 -0.89 32.31
CA LYS A 13 1.72 -1.18 33.27
C LYS A 13 0.36 -1.23 32.54
N ILE A 14 -0.67 -1.71 33.23
CA ILE A 14 -1.87 -2.09 32.59
C ILE A 14 -2.63 -0.88 31.93
N ASN A 15 -2.40 0.32 32.49
CA ASN A 15 -3.03 1.51 31.91
C ASN A 15 -2.05 2.41 31.16
N ASP A 16 -0.88 1.89 30.76
CA ASP A 16 0.17 2.75 30.22
C ASP A 16 -0.03 2.75 28.73
N GLU A 17 -0.07 3.92 28.10
CA GLU A 17 -0.23 3.97 26.67
C GLU A 17 0.94 4.83 26.18
N PHE A 18 1.16 4.83 24.88
CA PHE A 18 2.25 5.61 24.26
C PHE A 18 1.82 6.18 22.92
N ASN A 19 2.38 7.34 22.58
CA ASN A 19 2.16 7.90 21.25
C ASN A 19 2.69 6.97 20.16
N GLU A 20 2.05 7.03 19.00
CA GLU A 20 2.52 6.13 17.90
C GLU A 20 3.97 6.40 17.54
N SER A 21 4.49 7.59 17.88
CA SER A 21 5.86 7.86 17.57
C SER A 21 6.88 7.15 18.47
N VAL A 22 6.49 6.74 19.67
CA VAL A 22 7.38 6.03 20.61
C VAL A 22 7.55 4.58 20.18
N ASN A 23 8.81 4.18 19.95
CA ASN A 23 8.98 2.81 19.46
C ASN A 23 10.41 2.46 19.78
N GLU A 24 10.55 1.95 21.01
CA GLU A 24 11.88 1.76 21.57
C GLU A 24 11.82 0.89 22.82
N PRO A 25 12.98 0.41 23.27
CA PRO A 25 12.99 -0.39 24.50
C PRO A 25 12.49 0.36 25.73
N PHE A 26 12.03 -0.41 26.75
CA PHE A 26 11.96 0.17 28.09
C PHE A 26 13.34 0.41 28.69
N ILE A 27 14.24 -0.52 28.48
CA ILE A 27 15.65 -0.52 29.03
C ILE A 27 16.57 -0.76 27.84
N SER A 28 17.41 0.25 27.56
CA SER A 28 18.35 0.25 26.44
CA SER A 28 18.34 0.20 26.44
C SER A 28 19.76 0.11 26.98
N ASP A 29 20.75 0.01 26.11
CA ASP A 29 22.21 -0.01 26.55
C ASP A 29 22.48 -1.16 27.53
N ASN A 30 21.82 -2.27 27.24
CA ASN A 30 22.07 -3.47 28.00
C ASN A 30 23.41 -4.04 27.60
N LYS A 31 24.03 -4.77 28.54
CA LYS A 31 25.39 -5.33 28.32
C LYS A 31 25.34 -6.81 28.57
N VAL A 32 25.76 -7.61 27.57
CA VAL A 32 25.86 -9.09 27.74
C VAL A 32 26.77 -9.44 28.87
N GLU A 33 27.83 -8.62 29.10
CA GLU A 33 28.84 -8.89 30.15
CA GLU A 33 28.77 -9.08 30.13
C GLU A 33 28.21 -8.89 31.53
N ASP A 34 27.11 -8.09 31.70
CA ASP A 34 26.51 -8.00 33.05
C ASP A 34 25.40 -9.01 33.33
N VAL A 35 24.99 -9.78 32.30
CA VAL A 35 23.91 -10.78 32.51
C VAL A 35 24.35 -11.80 33.60
N ARG A 36 23.39 -12.23 34.43
CA ARG A 36 23.72 -13.23 35.47
C ARG A 36 24.23 -14.52 34.83
N LYS A 37 25.30 -15.14 35.35
CA LYS A 37 25.90 -16.39 34.86
CA LYS A 37 25.76 -16.38 34.75
C LYS A 37 25.26 -17.62 35.55
N ASP A 38 24.58 -17.38 36.66
CA ASP A 38 24.01 -18.43 37.48
C ASP A 38 22.59 -18.77 37.10
N GLU A 39 22.27 -20.06 37.02
CA GLU A 39 20.88 -20.39 36.81
C GLU A 39 19.98 -19.95 37.96
N TYR A 40 18.74 -19.52 37.67
CA TYR A 40 17.80 -19.21 38.74
C TYR A 40 17.57 -20.43 39.66
N LYS A 41 17.28 -20.14 40.92
CA LYS A 41 17.07 -21.22 41.90
C LYS A 41 15.67 -21.75 41.75
N LEU A 42 15.58 -23.06 41.79
CA LEU A 42 14.26 -23.80 41.82
C LEU A 42 14.01 -24.28 43.23
N PRO A 43 12.77 -24.58 43.54
CA PRO A 43 12.54 -25.07 44.90
C PRO A 43 13.21 -26.42 45.09
N PRO A 44 13.39 -26.85 46.34
CA PRO A 44 14.12 -28.08 46.54
C PRO A 44 13.41 -29.26 45.87
N GLY A 45 14.21 -30.15 45.34
CA GLY A 45 13.72 -31.38 44.66
C GLY A 45 13.45 -31.21 43.19
N TYR A 46 13.71 -29.99 42.66
CA TYR A 46 13.53 -29.76 41.22
C TYR A 46 14.82 -29.30 40.62
N SER A 47 15.02 -29.60 39.33
CA SER A 47 16.29 -29.26 38.63
CA SER A 47 16.27 -29.21 38.65
C SER A 47 16.05 -28.82 37.17
N TRP A 48 16.92 -27.95 36.68
CA TRP A 48 16.83 -27.59 35.28
C TRP A 48 17.27 -28.78 34.43
N TYR A 49 16.72 -28.84 33.19
CA TYR A 49 17.10 -29.87 32.23
C TYR A 49 17.20 -29.21 30.83
N VAL A 50 18.27 -29.42 30.03
CA VAL A 50 18.32 -28.86 28.65
C VAL A 50 17.71 -29.99 27.83
N CYS A 51 16.57 -29.70 27.25
CA CYS A 51 15.86 -30.67 26.42
C CYS A 51 16.52 -30.70 25.08
N ASP A 52 16.69 -31.89 24.48
CA ASP A 52 17.21 -31.99 23.14
C ASP A 52 16.04 -32.37 22.27
N VAL A 53 15.40 -31.36 21.60
CA VAL A 53 14.19 -31.69 20.85
CA VAL A 53 14.21 -31.63 20.86
C VAL A 53 14.46 -32.55 19.64
N LYS A 54 15.73 -32.59 19.18
CA LYS A 54 16.07 -33.53 18.12
C LYS A 54 16.18 -34.99 18.55
N ASP A 55 16.22 -35.22 19.84
CA ASP A 55 16.26 -36.59 20.39
C ASP A 55 14.80 -37.05 20.58
N GLU A 56 14.43 -38.17 19.98
CA GLU A 56 13.02 -38.58 20.01
C GLU A 56 12.51 -38.73 21.45
N LYS A 57 13.33 -39.29 22.32
CA LYS A 57 12.87 -39.46 23.71
C LYS A 57 12.68 -38.19 24.50
N ASP A 58 13.61 -37.23 24.42
CA ASP A 58 13.42 -35.96 25.11
C ASP A 58 12.16 -35.31 24.50
N ARG A 59 12.06 -35.35 23.17
CA ARG A 59 10.91 -34.71 22.47
C ARG A 59 9.61 -35.35 22.87
N SER A 60 9.61 -36.69 23.10
CA SER A 60 8.42 -37.36 23.61
CA SER A 60 8.37 -37.31 23.59
C SER A 60 8.02 -36.88 25.02
N GLU A 61 9.03 -36.59 25.83
CA GLU A 61 8.78 -36.11 27.22
C GLU A 61 8.08 -34.76 27.18
N ILE A 62 8.57 -33.87 26.31
CA ILE A 62 7.92 -32.56 26.16
C ILE A 62 6.48 -32.84 25.67
N TYR A 63 6.30 -33.67 24.61
CA TYR A 63 4.98 -33.96 24.07
C TYR A 63 4.04 -34.47 25.19
N THR A 64 4.52 -35.37 26.05
CA THR A 64 3.61 -35.88 27.04
C THR A 64 3.23 -34.79 28.10
N LEU A 65 4.20 -33.93 28.50
CA LEU A 65 3.91 -32.82 29.37
C LEU A 65 2.84 -31.91 28.79
N LEU A 66 3.04 -31.53 27.53
CA LEU A 66 2.00 -30.64 26.93
C LEU A 66 0.64 -31.32 26.70
N THR A 67 0.66 -32.58 26.27
CA THR A 67 -0.60 -33.32 26.04
C THR A 67 -1.44 -33.35 27.26
N ASP A 68 -0.78 -33.49 28.42
CA ASP A 68 -1.54 -33.61 29.64
C ASP A 68 -1.85 -32.27 30.34
N ASN A 69 -1.03 -31.26 30.04
CA ASN A 69 -1.05 -30.04 30.90
C ASN A 69 -1.09 -28.73 30.19
N TYR A 70 -1.23 -28.70 28.85
CA TYR A 70 -1.11 -27.43 28.17
C TYR A 70 -2.48 -26.74 28.10
N VAL A 71 -2.66 -25.79 27.18
CA VAL A 71 -3.83 -24.85 27.19
C VAL A 71 -5.16 -25.55 26.89
N GLU A 72 -6.16 -25.20 27.74
CA GLU A 72 -7.54 -25.63 27.47
C GLU A 72 -8.36 -24.50 26.95
N ASP A 73 -9.47 -24.79 26.26
CA ASP A 73 -10.38 -23.68 25.88
C ASP A 73 -11.10 -23.16 27.12
N ASP A 74 -11.75 -22.02 26.96
CA ASP A 74 -12.50 -21.44 28.08
C ASP A 74 -13.52 -22.40 28.72
N ASP A 75 -14.17 -23.22 27.91
CA ASP A 75 -15.18 -24.16 28.41
C ASP A 75 -14.60 -25.45 28.95
N ASN A 76 -13.28 -25.62 28.88
CA ASN A 76 -12.57 -26.81 29.43
C ASN A 76 -13.03 -28.14 28.83
N ILE A 77 -13.34 -28.11 27.53
CA ILE A 77 -13.78 -29.25 26.72
CA ILE A 77 -13.71 -29.35 26.83
C ILE A 77 -12.63 -29.81 25.83
N PHE A 78 -11.67 -28.89 25.52
CA PHE A 78 -10.59 -29.29 24.55
C PHE A 78 -9.27 -28.89 25.19
N ARG A 79 -8.19 -29.61 24.90
CA ARG A 79 -6.79 -29.12 25.27
C ARG A 79 -5.95 -29.26 24.02
N PHE A 80 -5.19 -28.19 23.74
CA PHE A 80 -4.30 -28.32 22.54
C PHE A 80 -3.42 -29.56 22.66
N ASN A 81 -3.20 -30.21 21.53
CA ASN A 81 -2.37 -31.44 21.52
C ASN A 81 -1.35 -31.33 20.34
N TYR A 82 -0.41 -30.39 20.47
CA TYR A 82 0.66 -30.30 19.51
C TYR A 82 1.38 -31.63 19.32
N SER A 83 1.63 -32.03 18.09
CA SER A 83 2.33 -33.29 17.91
C SER A 83 3.79 -33.21 18.16
N ALA A 84 4.41 -34.36 18.37
CA ALA A 84 5.86 -34.39 18.55
C ALA A 84 6.55 -33.82 17.28
N GLU A 85 6.08 -34.21 16.07
CA GLU A 85 6.69 -33.68 14.85
CA GLU A 85 6.73 -33.67 14.87
C GLU A 85 6.48 -32.19 14.72
N PHE A 86 5.36 -31.69 15.20
CA PHE A 86 5.18 -30.24 15.19
C PHE A 86 6.22 -29.55 16.09
N LEU A 87 6.38 -30.07 17.33
CA LEU A 87 7.36 -29.47 18.27
C LEU A 87 8.77 -29.43 17.71
N LEU A 88 9.16 -30.49 17.00
CA LEU A 88 10.44 -30.52 16.27
C LEU A 88 10.50 -29.36 15.27
N TRP A 89 9.49 -29.19 14.45
CA TRP A 89 9.47 -28.10 13.47
C TRP A 89 9.49 -26.70 14.15
N ALA A 90 8.70 -26.55 15.23
CA ALA A 90 8.51 -25.27 15.81
C ALA A 90 9.75 -24.81 16.49
N LEU A 91 10.60 -25.76 16.93
CA LEU A 91 11.70 -25.37 17.86
C LEU A 91 13.08 -25.45 17.19
N THR A 92 13.17 -25.87 15.91
CA THR A 92 14.47 -26.06 15.24
C THR A 92 14.62 -25.21 13.99
N SER A 93 13.96 -24.07 13.99
CA SER A 93 14.14 -23.10 12.96
C SER A 93 15.58 -22.59 12.82
N PRO A 94 15.90 -21.88 11.72
CA PRO A 94 17.34 -21.53 11.52
C PRO A 94 18.00 -20.77 12.71
N ASN A 95 19.20 -21.24 13.09
CA ASN A 95 19.95 -20.65 14.14
C ASN A 95 19.32 -20.78 15.51
N TYR A 96 18.40 -21.77 15.64
CA TYR A 96 17.79 -21.95 16.97
CA TYR A 96 17.77 -22.03 16.96
C TYR A 96 18.88 -22.32 17.98
N LEU A 97 18.56 -22.05 19.23
CA LEU A 97 19.45 -22.47 20.38
C LEU A 97 18.78 -23.60 21.16
N LYS A 98 19.47 -24.73 21.21
CA LYS A 98 19.05 -25.83 22.12
C LYS A 98 18.88 -25.40 23.55
N THR A 99 19.72 -24.47 24.03
CA THR A 99 19.72 -24.06 25.42
C THR A 99 18.55 -23.12 25.76
N TRP A 100 17.72 -22.74 24.75
CA TRP A 100 16.50 -22.04 25.01
C TRP A 100 15.31 -23.00 24.97
N HIS A 101 15.57 -24.30 25.09
CA HIS A 101 14.44 -25.31 25.20
C HIS A 101 14.59 -25.88 26.64
N ILE A 102 13.90 -25.21 27.54
CA ILE A 102 14.24 -25.37 28.94
C ILE A 102 13.21 -26.23 29.65
N GLY A 103 13.68 -27.29 30.25
CA GLY A 103 12.77 -28.14 31.08
C GLY A 103 13.06 -28.03 32.57
N VAL A 104 12.11 -28.46 33.36
CA VAL A 104 12.33 -28.60 34.81
C VAL A 104 11.92 -30.01 35.14
N LYS A 105 12.78 -30.73 35.83
CA LYS A 105 12.49 -32.13 36.27
C LYS A 105 12.21 -32.16 37.77
N TYR A 106 11.34 -33.09 38.17
CA TYR A 106 11.13 -33.44 39.58
C TYR A 106 12.19 -34.54 39.81
N ASP A 107 13.13 -34.28 40.70
CA ASP A 107 14.31 -35.15 40.77
C ASP A 107 13.92 -36.58 41.21
N ALA A 108 12.98 -36.70 42.16
CA ALA A 108 12.69 -38.03 42.72
C ALA A 108 12.17 -38.97 41.68
N SER A 109 11.46 -38.50 40.65
CA SER A 109 10.84 -39.41 39.64
C SER A 109 11.56 -39.31 38.32
N ASN A 110 12.42 -38.29 38.23
CA ASN A 110 13.08 -37.95 36.93
C ASN A 110 12.16 -37.54 35.83
N LYS A 111 11.02 -36.97 36.18
CA LYS A 111 9.98 -36.65 35.19
C LYS A 111 9.91 -35.16 34.94
N LEU A 112 9.69 -34.80 33.68
CA LEU A 112 9.55 -33.39 33.30
C LEU A 112 8.28 -32.85 33.83
N ILE A 113 8.33 -31.74 34.56
CA ILE A 113 7.13 -31.18 35.05
C ILE A 113 6.87 -29.68 34.63
N GLY A 114 7.85 -29.15 33.90
CA GLY A 114 7.76 -27.75 33.47
C GLY A 114 8.56 -27.59 32.20
N PHE A 115 8.18 -26.59 31.38
CA PHE A 115 8.90 -26.34 30.17
C PHE A 115 8.66 -24.90 29.73
N ILE A 116 9.66 -24.29 29.04
CA ILE A 116 9.44 -23.02 28.35
C ILE A 116 10.41 -23.07 27.17
N SER A 117 10.08 -22.37 26.06
CA SER A 117 11.01 -22.38 24.93
C SER A 117 10.96 -21.04 24.21
N ALA A 118 12.00 -20.85 23.40
CA ALA A 118 12.00 -19.71 22.49
C ALA A 118 12.88 -20.03 21.31
N ILE A 119 12.63 -19.30 20.19
CA ILE A 119 13.50 -19.38 19.00
C ILE A 119 13.82 -17.93 18.60
N PRO A 120 14.94 -17.72 17.93
CA PRO A 120 15.27 -16.31 17.52
C PRO A 120 14.69 -15.93 16.15
N THR A 121 14.15 -14.71 16.06
CA THR A 121 13.76 -14.27 14.72
C THR A 121 13.92 -12.73 14.70
N ASP A 122 13.94 -12.18 13.50
CA ASP A 122 13.89 -10.74 13.34
CA ASP A 122 13.87 -10.73 13.38
C ASP A 122 12.44 -10.30 13.25
N ILE A 123 12.07 -9.33 14.06
CA ILE A 123 10.67 -8.82 14.13
C ILE A 123 10.71 -7.34 13.77
N CYS A 124 9.85 -6.94 12.80
CA CYS A 124 9.70 -5.54 12.49
C CYS A 124 8.47 -5.03 13.19
N ILE A 125 8.68 -4.05 14.06
CA ILE A 125 7.59 -3.39 14.87
C ILE A 125 7.68 -1.91 14.46
N HIS A 126 6.59 -1.45 13.89
CA HIS A 126 6.44 -0.03 13.51
CA HIS A 126 6.45 -0.03 13.53
C HIS A 126 7.69 0.45 12.72
N LYS A 127 8.06 -0.35 11.71
CA LYS A 127 9.22 -0.05 10.79
C LYS A 127 10.59 -0.08 11.43
N ARG A 128 10.71 -0.66 12.61
CA ARG A 128 12.04 -0.91 13.14
C ARG A 128 12.23 -2.41 13.23
N THR A 129 13.37 -2.93 12.77
CA THR A 129 13.59 -4.40 12.78
C THR A 129 14.51 -4.76 13.89
N ILE A 130 14.04 -5.63 14.81
CA ILE A 130 14.76 -5.93 16.07
C ILE A 130 14.93 -7.43 16.17
N LYS A 131 16.14 -7.89 16.53
CA LYS A 131 16.32 -9.32 16.86
CA LYS A 131 16.36 -9.30 16.89
C LYS A 131 15.58 -9.67 18.14
N MET A 132 14.65 -10.62 18.05
CA MET A 132 13.79 -10.97 19.23
C MET A 132 13.81 -12.46 19.45
N ALA A 133 13.43 -12.86 20.65
CA ALA A 133 13.04 -14.28 20.90
C ALA A 133 11.55 -14.41 20.79
N GLU A 134 11.06 -15.46 20.12
CA GLU A 134 9.60 -15.79 20.13
C GLU A 134 9.41 -16.92 21.13
N VAL A 135 8.67 -16.59 22.19
CA VAL A 135 8.55 -17.48 23.33
C VAL A 135 7.25 -18.29 23.15
N ASN A 136 7.26 -19.55 23.54
CA ASN A 136 6.06 -20.40 23.41
C ASN A 136 6.23 -21.64 24.27
N PHE A 137 5.09 -22.32 24.48
CA PHE A 137 5.01 -23.63 25.16
C PHE A 137 5.40 -23.50 26.60
N LEU A 138 5.15 -22.36 27.24
CA LEU A 138 5.32 -22.29 28.71
C LEU A 138 4.28 -23.28 29.32
N CYS A 139 4.69 -24.20 30.22
CA CYS A 139 3.73 -25.15 30.76
C CYS A 139 4.30 -25.57 32.11
N VAL A 140 3.44 -25.56 33.12
CA VAL A 140 3.70 -26.18 34.46
C VAL A 140 2.65 -27.31 34.63
N HIS A 141 3.12 -28.46 35.13
CA HIS A 141 2.19 -29.58 35.44
C HIS A 141 1.01 -29.09 36.24
N LYS A 142 -0.16 -29.65 35.97
CA LYS A 142 -1.39 -29.27 36.65
C LYS A 142 -1.27 -29.49 38.18
N THR A 143 -0.45 -30.44 38.61
CA THR A 143 -0.35 -30.69 40.06
C THR A 143 0.49 -29.65 40.77
N LEU A 144 1.15 -28.73 40.03
CA LEU A 144 2.12 -27.79 40.60
C LEU A 144 1.73 -26.38 40.32
N ARG A 145 0.44 -26.15 39.95
CA ARG A 145 -0.02 -24.81 39.66
C ARG A 145 -0.10 -23.86 40.86
N SER A 146 0.09 -22.57 40.55
CA SER A 146 -0.02 -21.47 41.53
C SER A 146 1.04 -21.55 42.61
N LYS A 147 2.24 -22.06 42.28
CA LYS A 147 3.36 -22.13 43.24
C LYS A 147 4.45 -21.17 42.80
N ARG A 148 4.17 -20.27 41.86
CA ARG A 148 5.17 -19.27 41.35
C ARG A 148 6.36 -19.93 40.65
N LEU A 149 6.14 -21.08 40.00
CA LEU A 149 7.14 -21.65 39.14
C LEU A 149 7.22 -20.89 37.81
N ALA A 150 6.11 -20.41 37.28
CA ALA A 150 6.19 -19.79 35.92
C ALA A 150 7.13 -18.59 35.89
N PRO A 151 7.17 -17.73 36.97
CA PRO A 151 8.12 -16.61 36.94
C PRO A 151 9.56 -17.14 36.90
N VAL A 152 9.85 -18.27 37.52
CA VAL A 152 11.23 -18.78 37.49
C VAL A 152 11.55 -19.19 36.08
N LEU A 153 10.62 -19.92 35.42
CA LEU A 153 10.84 -20.30 33.99
C LEU A 153 11.06 -19.06 33.11
N ILE A 154 10.25 -18.06 33.35
CA ILE A 154 10.32 -16.83 32.54
C ILE A 154 11.66 -16.14 32.76
N LYS A 155 12.07 -15.99 34.02
CA LYS A 155 13.33 -15.29 34.31
C LYS A 155 14.49 -16.11 33.83
N GLU A 156 14.46 -17.42 33.88
CA GLU A 156 15.60 -18.19 33.41
C GLU A 156 15.76 -18.12 31.88
N ILE A 157 14.63 -18.23 31.15
CA ILE A 157 14.75 -18.09 29.70
CA ILE A 157 14.75 -18.10 29.70
C ILE A 157 15.18 -16.67 29.33
N THR A 158 14.68 -15.67 30.07
CA THR A 158 15.11 -14.28 29.76
C THR A 158 16.66 -14.19 29.90
N ARG A 159 17.20 -14.76 30.96
CA ARG A 159 18.64 -14.74 31.20
C ARG A 159 19.34 -15.38 30.01
N ARG A 160 18.89 -16.55 29.60
CA ARG A 160 19.60 -17.26 28.51
C ARG A 160 19.46 -16.49 27.15
N ILE A 161 18.33 -15.85 26.95
CA ILE A 161 18.18 -15.01 25.74
C ILE A 161 19.11 -13.82 25.82
N ASN A 162 19.20 -13.16 26.97
CA ASN A 162 20.09 -11.99 27.17
C ASN A 162 21.57 -12.39 26.90
N LEU A 163 21.98 -13.64 27.24
CA LEU A 163 23.39 -14.05 26.97
C LEU A 163 23.70 -13.96 25.48
N GLU A 164 22.68 -14.03 24.59
CA GLU A 164 22.94 -13.88 23.15
C GLU A 164 22.80 -12.48 22.68
N ASN A 165 22.81 -11.53 23.58
CA ASN A 165 22.68 -10.07 23.25
C ASN A 165 21.30 -9.75 22.61
N ILE A 166 20.28 -10.46 23.08
CA ILE A 166 18.92 -10.28 22.61
C ILE A 166 18.15 -9.82 23.80
N TRP A 167 17.38 -8.70 23.67
CA TRP A 167 16.77 -8.03 24.83
C TRP A 167 15.28 -7.75 24.68
N GLN A 168 14.69 -8.29 23.59
CA GLN A 168 13.22 -8.16 23.32
C GLN A 168 12.71 -9.51 23.01
N ALA A 169 11.39 -9.67 23.23
CA ALA A 169 10.75 -10.93 22.89
C ALA A 169 9.32 -10.66 22.44
N ILE A 170 8.73 -11.65 21.73
CA ILE A 170 7.34 -11.57 21.29
C ILE A 170 6.66 -12.87 21.78
N TYR A 171 5.41 -12.75 22.18
CA TYR A 171 4.67 -13.95 22.61
C TYR A 171 3.17 -13.64 22.52
N THR A 172 2.35 -14.67 22.57
CA THR A 172 0.89 -14.48 22.60
C THR A 172 0.33 -15.21 23.77
N ALA A 173 -0.87 -14.77 24.18
CA ALA A 173 -1.64 -15.59 25.17
C ALA A 173 -3.11 -15.30 25.03
N GLY A 174 -3.94 -16.25 25.44
CA GLY A 174 -5.36 -15.99 25.60
C GLY A 174 -5.70 -15.22 26.84
N VAL A 175 -4.83 -15.26 27.84
CA VAL A 175 -5.02 -14.52 29.10
C VAL A 175 -4.54 -13.08 28.94
N TYR A 176 -5.12 -12.19 29.73
CA TYR A 176 -4.74 -10.82 29.65
C TYR A 176 -3.56 -10.62 30.62
N LEU A 177 -2.51 -9.98 30.16
CA LEU A 177 -1.27 -9.74 30.90
C LEU A 177 -0.87 -8.32 30.60
N PRO A 178 0.03 -7.69 31.40
CA PRO A 178 0.49 -6.32 31.05
C PRO A 178 1.49 -6.45 29.89
N LYS A 179 1.28 -5.85 28.69
CA LYS A 179 0.04 -5.27 28.26
CA LYS A 179 0.04 -5.26 28.26
C LYS A 179 0.02 -5.53 26.73
N PRO A 180 -1.15 -5.96 26.16
CA PRO A 180 -1.14 -6.30 24.74
C PRO A 180 -0.77 -5.14 23.87
N VAL A 181 -0.02 -5.46 22.79
CA VAL A 181 0.12 -4.50 21.68
C VAL A 181 -1.04 -4.60 20.72
N SER A 182 -1.69 -5.76 20.66
CA SER A 182 -2.90 -5.93 19.84
C SER A 182 -3.66 -7.09 20.38
N ASP A 183 -4.92 -7.17 20.08
CA ASP A 183 -5.87 -8.20 20.58
C ASP A 183 -6.78 -8.64 19.39
N ALA A 184 -6.70 -9.93 19.02
CA ALA A 184 -7.43 -10.38 17.82
C ALA A 184 -8.38 -11.46 18.20
N ARG A 185 -9.68 -11.23 17.92
CA ARG A 185 -10.66 -12.35 18.02
C ARG A 185 -10.32 -13.50 17.08
N TYR A 186 -10.65 -14.72 17.48
CA TYR A 186 -10.56 -15.88 16.56
C TYR A 186 -11.93 -16.29 16.07
N TYR A 187 -11.89 -16.91 14.91
CA TYR A 187 -13.09 -17.36 14.16
C TYR A 187 -12.77 -18.74 13.61
N HIS A 188 -13.81 -19.53 13.38
CA HIS A 188 -13.66 -20.90 12.88
C HIS A 188 -14.59 -21.09 11.68
N ARG A 189 -14.16 -21.95 10.77
CA ARG A 189 -15.03 -22.35 9.66
C ARG A 189 -15.21 -23.83 9.78
N SER A 190 -16.46 -24.28 9.95
CA SER A 190 -16.75 -25.73 10.12
C SER A 190 -16.52 -26.47 8.86
N ILE A 191 -15.86 -27.61 8.92
CA ILE A 191 -15.67 -28.48 7.75
C ILE A 191 -16.43 -29.83 7.93
N ASN A 192 -16.16 -30.50 9.04
CA ASN A 192 -16.80 -31.79 9.35
CA ASN A 192 -16.83 -31.78 9.31
C ASN A 192 -17.89 -31.42 10.37
N VAL A 193 -19.05 -30.97 9.89
CA VAL A 193 -20.07 -30.37 10.79
CA VAL A 193 -20.16 -30.43 10.67
C VAL A 193 -20.63 -31.41 11.75
N LYS A 194 -20.93 -32.63 11.33
CA LYS A 194 -21.54 -33.57 12.24
C LYS A 194 -20.60 -33.85 13.42
N LYS A 195 -19.31 -34.04 13.13
CA LYS A 195 -18.38 -34.25 14.20
C LYS A 195 -18.31 -33.04 15.15
N LEU A 196 -18.27 -31.80 14.61
CA LEU A 196 -18.16 -30.64 15.47
C LEU A 196 -19.39 -30.45 16.39
N ILE A 197 -20.55 -30.91 15.88
CA ILE A 197 -21.77 -30.95 16.65
CA ILE A 197 -21.72 -30.87 16.74
C ILE A 197 -21.64 -32.01 17.78
N GLU A 198 -21.25 -33.23 17.38
CA GLU A 198 -21.18 -34.36 18.31
C GLU A 198 -20.25 -34.12 19.49
N ILE A 199 -19.16 -33.33 19.21
CA ILE A 199 -18.12 -33.09 20.29
C ILE A 199 -18.43 -31.83 21.09
N GLY A 200 -19.47 -31.10 20.73
CA GLY A 200 -19.90 -29.85 21.39
C GLY A 200 -19.05 -28.66 20.98
N PHE A 201 -18.38 -28.72 19.84
CA PHE A 201 -17.67 -27.53 19.36
C PHE A 201 -18.66 -26.52 18.74
N SER A 202 -19.69 -27.04 18.05
CA SER A 202 -20.70 -26.25 17.26
C SER A 202 -22.05 -26.70 17.74
N SER A 203 -23.12 -25.91 17.47
CA SER A 203 -24.50 -26.31 17.83
C SER A 203 -25.57 -26.14 16.73
N LEU A 204 -26.71 -26.81 16.90
CA LEU A 204 -27.81 -26.79 15.97
C LEU A 204 -28.94 -26.09 16.64
N ASN A 205 -29.98 -25.74 15.87
CA ASN A 205 -31.30 -25.36 16.43
C ASN A 205 -32.52 -25.72 15.54
N SER A 206 -33.73 -25.28 15.91
CA SER A 206 -34.91 -25.85 15.26
C SER A 206 -34.93 -25.35 13.82
N ARG A 207 -34.44 -24.10 13.69
CA ARG A 207 -34.00 -23.51 12.43
C ARG A 207 -32.95 -24.37 11.70
N LEU A 208 -31.78 -24.60 12.31
CA LEU A 208 -30.71 -25.29 11.60
C LEU A 208 -30.63 -26.74 12.10
N THR A 209 -31.25 -27.64 11.35
CA THR A 209 -31.20 -29.11 11.61
C THR A 209 -29.89 -29.68 11.19
N MET A 210 -29.59 -30.91 11.54
CA MET A 210 -28.32 -31.50 11.12
C MET A 210 -28.16 -31.48 9.64
N SER A 211 -29.18 -31.86 8.84
CA SER A 211 -29.00 -31.86 7.40
C SER A 211 -28.80 -30.46 6.88
N ARG A 212 -29.53 -29.49 7.43
CA ARG A 212 -29.39 -28.08 6.95
CA ARG A 212 -29.39 -28.10 6.91
C ARG A 212 -28.02 -27.54 7.27
N ALA A 213 -27.48 -27.95 8.42
CA ALA A 213 -26.10 -27.47 8.81
C ALA A 213 -25.07 -28.10 7.89
N ILE A 214 -25.21 -29.40 7.55
CA ILE A 214 -24.30 -30.06 6.61
C ILE A 214 -24.38 -29.32 5.28
N LYS A 215 -25.56 -29.01 4.79
CA LYS A 215 -25.66 -28.27 3.53
C LYS A 215 -25.05 -26.89 3.60
N LEU A 216 -25.26 -26.16 4.69
CA LEU A 216 -24.81 -24.76 4.82
C LEU A 216 -23.27 -24.76 4.68
N TYR A 217 -22.61 -25.74 5.26
CA TYR A 217 -21.14 -25.75 5.26
C TYR A 217 -20.48 -26.54 4.18
N ARG A 218 -21.29 -27.04 3.23
CA ARG A 218 -20.78 -27.85 2.13
C ARG A 218 -19.80 -27.05 1.29
N VAL A 219 -18.75 -27.74 0.86
CA VAL A 219 -17.82 -27.02 -0.02
CA VAL A 219 -17.54 -27.17 0.17
C VAL A 219 -17.56 -27.80 -1.27
N GLU A 220 -17.49 -27.01 -2.34
CA GLU A 220 -17.30 -27.57 -3.68
C GLU A 220 -15.84 -28.04 -3.80
N ASP A 221 -15.62 -29.28 -4.25
CA ASP A 221 -14.26 -29.82 -4.36
C ASP A 221 -13.55 -29.33 -5.61
N THR A 222 -13.62 -28.02 -5.89
CA THR A 222 -12.86 -27.43 -7.00
C THR A 222 -12.23 -26.13 -6.54
N LEU A 223 -10.93 -26.02 -6.87
CA LEU A 223 -10.17 -24.84 -6.54
C LEU A 223 -10.54 -23.70 -7.46
N ASN A 224 -10.61 -22.48 -6.87
CA ASN A 224 -10.75 -21.27 -7.68
C ASN A 224 -9.47 -20.98 -8.46
N ILE A 225 -8.32 -21.29 -7.84
CA ILE A 225 -7.00 -21.12 -8.48
C ILE A 225 -6.51 -22.53 -8.84
N LYS A 226 -6.80 -22.89 -10.09
CA LYS A 226 -6.72 -24.34 -10.49
C LYS A 226 -5.35 -24.93 -10.28
N ASN A 227 -4.26 -24.13 -10.40
CA ASN A 227 -2.92 -24.77 -10.38
C ASN A 227 -2.26 -24.69 -8.97
N MET A 228 -3.03 -24.34 -7.94
CA MET A 228 -2.52 -24.34 -6.58
CA MET A 228 -2.55 -24.40 -6.51
C MET A 228 -2.02 -25.74 -6.19
N ARG A 229 -0.74 -25.82 -5.80
CA ARG A 229 -0.08 -27.12 -5.63
C ARG A 229 0.85 -27.07 -4.41
N LEU A 230 1.19 -28.20 -3.85
CA LEU A 230 2.08 -28.23 -2.69
C LEU A 230 3.41 -27.53 -3.05
N MET A 231 3.90 -26.69 -2.13
CA MET A 231 5.18 -25.98 -2.34
C MET A 231 6.35 -26.99 -2.30
N LYS A 232 7.37 -26.67 -3.10
CA LYS A 232 8.59 -27.51 -3.14
C LYS A 232 9.77 -26.56 -3.02
N LYS A 233 10.96 -27.10 -2.86
CA LYS A 233 12.17 -26.27 -2.69
CA LYS A 233 12.18 -26.28 -2.72
C LYS A 233 12.39 -25.23 -3.77
N LYS A 234 11.99 -25.55 -5.00
CA LYS A 234 12.17 -24.62 -6.09
CA LYS A 234 12.14 -24.64 -6.11
C LYS A 234 11.37 -23.33 -5.95
N ASP A 235 10.41 -23.32 -5.01
CA ASP A 235 9.50 -22.21 -4.84
C ASP A 235 9.98 -21.31 -3.70
N VAL A 236 11.06 -21.68 -3.02
CA VAL A 236 11.50 -20.86 -1.84
C VAL A 236 11.79 -19.39 -2.24
N GLU A 237 12.52 -19.19 -3.32
CA GLU A 237 12.84 -17.76 -3.65
C GLU A 237 11.56 -17.05 -3.98
N GLY A 238 10.63 -17.66 -4.73
CA GLY A 238 9.45 -16.93 -5.09
C GLY A 238 8.53 -16.67 -3.90
N VAL A 239 8.41 -17.61 -2.97
CA VAL A 239 7.61 -17.37 -1.75
C VAL A 239 8.30 -16.28 -0.89
N HIS A 240 9.62 -16.27 -0.84
CA HIS A 240 10.33 -15.24 -0.04
C HIS A 240 9.95 -13.85 -0.61
N LYS A 241 9.91 -13.71 -1.93
CA LYS A 241 9.55 -12.44 -2.55
CA LYS A 241 9.55 -12.43 -2.54
C LYS A 241 8.08 -12.11 -2.29
N LEU A 242 7.18 -13.06 -2.59
CA LEU A 242 5.75 -12.79 -2.53
C LEU A 242 5.32 -12.44 -1.08
N LEU A 243 5.71 -13.30 -0.16
CA LEU A 243 5.28 -13.04 1.26
C LEU A 243 6.04 -11.88 1.83
N GLY A 244 7.33 -11.77 1.50
CA GLY A 244 8.08 -10.61 2.07
C GLY A 244 7.49 -9.27 1.61
N SER A 245 7.16 -9.20 0.30
CA SER A 245 6.55 -7.99 -0.19
C SER A 245 5.23 -7.64 0.50
N TYR A 246 4.39 -8.65 0.67
CA TYR A 246 3.10 -8.50 1.30
C TYR A 246 3.23 -8.04 2.78
N LEU A 247 4.20 -8.59 3.50
CA LEU A 247 4.18 -8.39 4.95
C LEU A 247 4.62 -6.96 5.32
N GLU A 248 5.28 -6.27 4.38
CA GLU A 248 5.84 -4.96 4.74
C GLU A 248 4.74 -3.93 5.07
N GLN A 249 3.49 -4.18 4.61
CA GLN A 249 2.40 -3.25 4.93
C GLN A 249 2.03 -3.20 6.41
N PHE A 250 2.39 -4.21 7.19
CA PHE A 250 1.82 -4.33 8.54
C PHE A 250 2.74 -3.63 9.58
N ASN A 251 2.17 -3.42 10.77
CA ASN A 251 2.90 -2.78 11.86
CA ASN A 251 2.87 -2.77 11.91
C ASN A 251 3.72 -3.76 12.66
N LEU A 252 3.41 -5.06 12.51
CA LEU A 252 4.16 -6.06 13.25
C LEU A 252 4.28 -7.30 12.37
N TYR A 253 5.49 -7.74 12.06
CA TYR A 253 5.68 -8.92 11.21
C TYR A 253 7.07 -9.49 11.36
N ALA A 254 7.23 -10.73 11.03
CA ALA A 254 8.58 -11.33 11.03
C ALA A 254 9.25 -11.00 9.70
N VAL A 255 10.55 -10.71 9.75
CA VAL A 255 11.33 -10.45 8.52
C VAL A 255 12.09 -11.74 8.13
N PHE A 256 11.49 -12.57 7.28
CA PHE A 256 12.06 -13.84 6.95
C PHE A 256 13.24 -13.80 6.01
N THR A 257 14.27 -14.52 6.33
CA THR A 257 15.33 -14.82 5.35
C THR A 257 14.87 -15.94 4.43
N LYS A 258 15.61 -16.25 3.36
CA LYS A 258 15.26 -17.38 2.53
C LYS A 258 15.34 -18.69 3.31
N GLU A 259 16.37 -18.89 4.14
CA GLU A 259 16.45 -20.07 4.97
CA GLU A 259 16.47 -20.14 4.95
C GLU A 259 15.23 -20.23 5.88
N GLU A 260 14.75 -19.08 6.39
CA GLU A 260 13.51 -19.18 7.25
C GLU A 260 12.25 -19.51 6.42
N ILE A 261 12.16 -18.98 5.21
CA ILE A 261 11.04 -19.39 4.33
C ILE A 261 11.10 -20.86 4.10
N ALA A 262 12.28 -21.44 3.80
CA ALA A 262 12.29 -22.87 3.59
C ALA A 262 11.87 -23.69 4.83
N HIS A 263 12.33 -23.27 5.99
CA HIS A 263 11.95 -23.97 7.21
C HIS A 263 10.47 -23.81 7.50
N TRP A 264 9.96 -22.60 7.43
CA TRP A 264 8.62 -22.36 7.92
C TRP A 264 7.50 -22.76 6.95
N PHE A 265 7.82 -22.92 5.66
CA PHE A 265 6.77 -23.23 4.73
C PHE A 265 6.96 -24.57 4.02
N LEU A 266 8.15 -25.10 3.87
CA LEU A 266 8.16 -26.36 3.07
C LEU A 266 7.31 -27.45 3.79
N PRO A 267 6.44 -28.17 3.05
CA PRO A 267 5.36 -28.96 3.73
C PRO A 267 5.93 -30.14 4.45
N ILE A 268 5.33 -30.33 5.62
CA ILE A 268 5.56 -31.54 6.51
C ILE A 268 4.20 -32.08 6.86
N GLU A 269 3.92 -33.33 6.43
CA GLU A 269 2.64 -33.97 6.69
C GLU A 269 2.30 -33.88 8.18
N ASN A 270 1.04 -33.50 8.45
CA ASN A 270 0.53 -33.36 9.81
C ASN A 270 1.13 -32.25 10.59
N VAL A 271 1.81 -31.34 9.89
CA VAL A 271 2.47 -30.23 10.60
C VAL A 271 2.23 -28.89 9.91
N ILE A 272 2.73 -28.77 8.66
CA ILE A 272 2.64 -27.48 7.94
C ILE A 272 2.30 -27.78 6.47
N TYR A 273 1.33 -27.03 5.94
CA TYR A 273 0.90 -27.25 4.56
C TYR A 273 1.01 -25.92 3.88
N THR A 274 1.72 -25.88 2.76
CA THR A 274 1.84 -24.65 1.97
C THR A 274 1.60 -25.01 0.50
N TYR A 275 0.78 -24.21 -0.15
CA TYR A 275 0.40 -24.42 -1.56
C TYR A 275 0.72 -23.12 -2.27
N VAL A 276 1.13 -23.27 -3.50
CA VAL A 276 1.56 -22.10 -4.32
C VAL A 276 0.94 -22.18 -5.70
N ASN A 277 0.73 -21.01 -6.28
CA ASN A 277 0.37 -20.91 -7.72
C ASN A 277 1.46 -20.26 -8.50
N GLU A 278 2.08 -21.07 -9.36
CA GLU A 278 3.18 -20.64 -10.23
C GLU A 278 2.68 -20.31 -11.62
N GLU A 279 2.93 -19.08 -12.07
CA GLU A 279 2.44 -18.60 -13.34
C GLU A 279 3.64 -17.93 -13.99
N ASN A 280 3.91 -18.28 -15.25
CA ASN A 280 5.13 -17.69 -15.91
C ASN A 280 6.41 -17.79 -15.10
N GLY A 281 6.59 -18.84 -14.32
CA GLY A 281 7.80 -19.03 -13.57
C GLY A 281 7.87 -18.21 -12.31
N LYS A 282 6.75 -17.50 -11.97
CA LYS A 282 6.73 -16.64 -10.76
C LYS A 282 5.72 -17.26 -9.78
N ILE A 283 6.02 -17.19 -8.53
CA ILE A 283 5.01 -17.54 -7.48
C ILE A 283 4.11 -16.37 -7.25
N LYS A 284 2.82 -16.48 -7.61
CA LYS A 284 1.91 -15.37 -7.57
C LYS A 284 0.86 -15.44 -6.49
N ASP A 285 0.70 -16.61 -5.85
CA ASP A 285 -0.30 -16.74 -4.78
C ASP A 285 0.19 -17.88 -3.91
N MET A 286 -0.15 -17.80 -2.64
CA MET A 286 0.23 -18.87 -1.65
C MET A 286 -0.83 -18.97 -0.59
N ILE A 287 -1.02 -20.20 -0.10
CA ILE A 287 -1.93 -20.52 0.99
C ILE A 287 -1.08 -21.34 1.98
N SER A 288 -1.23 -21.10 3.27
CA SER A 288 -0.52 -22.00 4.22
C SER A 288 -1.34 -22.09 5.50
N PHE A 289 -1.24 -23.28 6.12
CA PHE A 289 -1.94 -23.49 7.41
C PHE A 289 -1.19 -24.57 8.11
N TYR A 290 -1.25 -24.48 9.43
CA TYR A 290 -0.58 -25.53 10.23
C TYR A 290 -1.60 -26.41 10.93
N SER A 291 -1.13 -27.58 11.36
CA SER A 291 -2.03 -28.56 12.04
C SER A 291 -1.79 -28.47 13.54
N LEU A 292 -2.91 -28.22 14.25
CA LEU A 292 -2.85 -28.20 15.76
C LEU A 292 -4.14 -28.91 16.22
N PRO A 293 -4.03 -30.20 16.46
CA PRO A 293 -5.21 -30.89 16.96
C PRO A 293 -5.52 -30.50 18.39
N SER A 294 -6.78 -30.67 18.79
CA SER A 294 -7.10 -30.60 20.27
C SER A 294 -7.56 -31.98 20.73
N GLN A 295 -7.05 -32.41 21.87
CA GLN A 295 -7.66 -33.52 22.54
C GLN A 295 -9.07 -33.14 23.01
N ILE A 296 -10.02 -34.05 22.79
CA ILE A 296 -11.41 -33.84 23.21
C ILE A 296 -11.54 -34.54 24.57
N LEU A 297 -11.69 -33.73 25.60
CA LEU A 297 -11.57 -34.32 26.95
C LEU A 297 -12.87 -35.17 27.29
N GLY A 298 -12.74 -36.35 27.87
N GLY A 298 -12.59 -36.41 27.70
CA GLY A 298 -13.97 -37.18 28.09
CA GLY A 298 -13.58 -37.50 28.02
C GLY A 298 -14.95 -37.19 26.92
C GLY A 298 -14.52 -38.11 26.99
N ASN A 299 -14.49 -37.62 25.74
CA ASN A 299 -15.49 -37.95 24.71
C ASN A 299 -15.48 -39.43 24.45
N ASP A 300 -16.65 -40.10 24.55
CA ASP A 300 -16.66 -41.55 24.26
C ASP A 300 -16.21 -41.82 22.77
N LYS A 301 -16.78 -41.10 21.78
CA LYS A 301 -16.51 -41.49 20.37
C LYS A 301 -15.20 -41.00 19.77
N TYR A 302 -14.84 -39.75 20.09
CA TYR A 302 -13.67 -39.20 19.37
C TYR A 302 -12.66 -38.74 20.42
N SER A 303 -11.40 -39.07 20.16
CA SER A 303 -10.32 -38.56 21.02
C SER A 303 -9.74 -37.18 20.56
N THR A 304 -9.89 -36.87 19.26
CA THR A 304 -9.04 -35.80 18.61
C THR A 304 -9.88 -34.96 17.68
N LEU A 305 -9.79 -33.63 17.79
CA LEU A 305 -10.33 -32.67 16.82
C LEU A 305 -9.15 -32.32 15.92
N ASN A 306 -9.28 -32.59 14.60
CA ASN A 306 -8.21 -32.29 13.62
CA ASN A 306 -8.17 -32.23 13.66
C ASN A 306 -8.47 -30.86 13.14
N ALA A 307 -7.56 -29.93 13.42
CA ALA A 307 -7.85 -28.51 13.18
C ALA A 307 -6.69 -27.89 12.42
N ALA A 308 -7.01 -27.12 11.36
CA ALA A 308 -6.01 -26.35 10.55
C ALA A 308 -6.10 -24.93 11.03
N TYR A 309 -4.95 -24.30 11.14
CA TYR A 309 -4.89 -22.86 11.55
C TYR A 309 -4.25 -22.10 10.42
N SER A 310 -5.02 -21.10 9.98
CA SER A 310 -4.50 -20.18 8.93
C SER A 310 -3.14 -19.60 9.31
N PHE A 311 -2.22 -19.63 8.36
CA PHE A 311 -0.86 -19.14 8.68
C PHE A 311 -0.61 -17.90 7.80
N TYR A 312 -0.02 -18.03 6.59
CA TYR A 312 0.10 -16.85 5.70
C TYR A 312 -0.49 -17.16 4.34
N ASN A 313 -1.38 -16.23 3.91
CA ASN A 313 -2.04 -16.31 2.61
C ASN A 313 -1.88 -15.06 1.84
N VAL A 314 -1.47 -15.17 0.56
CA VAL A 314 -1.20 -13.92 -0.21
C VAL A 314 -1.78 -14.22 -1.63
N THR A 315 -2.58 -13.29 -2.17
CA THR A 315 -2.97 -13.46 -3.60
C THR A 315 -2.63 -12.24 -4.39
N THR A 316 -2.09 -12.47 -5.62
CA THR A 316 -1.96 -11.41 -6.56
C THR A 316 -2.79 -11.67 -7.80
N THR A 317 -3.38 -12.85 -7.98
CA THR A 317 -4.10 -13.11 -9.26
C THR A 317 -5.55 -13.47 -9.04
N ALA A 318 -5.98 -13.52 -7.81
CA ALA A 318 -7.36 -13.84 -7.41
C ALA A 318 -7.90 -12.86 -6.35
N THR A 319 -9.13 -13.02 -5.94
CA THR A 319 -9.59 -12.26 -4.77
C THR A 319 -9.20 -12.94 -3.48
N PHE A 320 -9.06 -12.16 -2.40
CA PHE A 320 -8.73 -12.83 -1.10
C PHE A 320 -9.81 -13.85 -0.71
N LYS A 321 -11.05 -13.50 -0.99
CA LYS A 321 -12.15 -14.41 -0.69
C LYS A 321 -11.91 -15.69 -1.48
N GLN A 322 -11.59 -15.65 -2.76
CA GLN A 322 -11.36 -16.88 -3.53
C GLN A 322 -10.17 -17.68 -2.95
N LEU A 323 -9.16 -16.93 -2.55
CA LEU A 323 -7.95 -17.58 -1.98
C LEU A 323 -8.30 -18.30 -0.68
N MET A 324 -9.04 -17.65 0.20
CA MET A 324 -9.38 -18.32 1.53
C MET A 324 -10.40 -19.44 1.34
N GLN A 325 -11.24 -19.35 0.30
CA GLN A 325 -12.17 -20.45 -0.02
C GLN A 325 -11.29 -21.65 -0.44
N ASP A 326 -10.27 -21.44 -1.25
CA ASP A 326 -9.32 -22.55 -1.62
C ASP A 326 -8.57 -23.06 -0.40
N ALA A 327 -8.22 -22.16 0.56
CA ALA A 327 -7.57 -22.69 1.77
C ALA A 327 -8.45 -23.63 2.55
N ILE A 328 -9.72 -23.20 2.69
CA ILE A 328 -10.68 -24.13 3.34
C ILE A 328 -10.75 -25.47 2.64
N LEU A 329 -10.86 -25.39 1.29
CA LEU A 329 -10.97 -26.66 0.56
C LEU A 329 -9.72 -27.50 0.71
N LEU A 330 -8.54 -26.86 0.68
CA LEU A 330 -7.33 -27.63 0.81
C LEU A 330 -7.24 -28.28 2.22
N ALA A 331 -7.72 -27.57 3.24
CA ALA A 331 -7.77 -28.16 4.60
C ALA A 331 -8.74 -29.38 4.56
N LYS A 332 -9.89 -29.18 3.93
CA LYS A 332 -10.88 -30.33 3.87
C LYS A 332 -10.21 -31.51 3.18
N ARG A 333 -9.48 -31.25 2.09
CA ARG A 333 -8.85 -32.37 1.29
C ARG A 333 -7.76 -33.07 2.14
N ASN A 334 -7.29 -32.43 3.21
CA ASN A 334 -6.27 -33.01 4.11
C ASN A 334 -6.86 -33.47 5.42
N ASN A 335 -8.16 -33.71 5.39
CA ASN A 335 -8.81 -34.40 6.50
CA ASN A 335 -8.94 -34.33 6.45
C ASN A 335 -8.96 -33.53 7.72
N PHE A 336 -8.94 -32.20 7.59
CA PHE A 336 -9.23 -31.39 8.77
C PHE A 336 -10.69 -31.20 9.03
N ASP A 337 -11.05 -31.09 10.31
CA ASP A 337 -12.46 -30.95 10.71
C ASP A 337 -12.90 -29.54 10.79
N VAL A 338 -11.98 -28.55 10.89
CA VAL A 338 -12.34 -27.12 11.13
C VAL A 338 -11.10 -26.35 10.70
N PHE A 339 -11.34 -25.14 10.22
CA PHE A 339 -10.27 -24.20 9.80
C PHE A 339 -10.41 -22.97 10.66
N ASN A 340 -9.34 -22.64 11.39
CA ASN A 340 -9.35 -21.52 12.36
C ASN A 340 -8.51 -20.36 11.85
N ALA A 341 -8.94 -19.13 12.24
CA ALA A 341 -8.12 -17.97 11.84
C ALA A 341 -8.34 -16.86 12.82
N LEU A 342 -7.49 -15.85 12.75
CA LEU A 342 -7.58 -14.66 13.57
C LEU A 342 -7.94 -13.49 12.70
N GLU A 343 -8.57 -12.47 13.31
CA GLU A 343 -8.81 -11.18 12.59
C GLU A 343 -7.56 -10.32 12.40
N VAL A 344 -6.51 -10.94 11.94
CA VAL A 344 -5.26 -10.17 11.63
C VAL A 344 -5.16 -10.09 10.09
N MET A 345 -4.19 -9.33 9.62
CA MET A 345 -4.00 -9.12 8.18
C MET A 345 -5.30 -8.73 7.51
N GLN A 346 -5.61 -9.35 6.36
CA GLN A 346 -6.93 -9.01 5.70
C GLN A 346 -8.00 -10.07 6.00
N ASN A 347 -7.82 -10.84 7.07
CA ASN A 347 -8.72 -12.01 7.22
C ASN A 347 -10.14 -11.64 7.59
N LYS A 348 -10.32 -10.60 8.38
CA LYS A 348 -11.69 -10.23 8.78
C LYS A 348 -12.60 -10.02 7.57
N SER A 349 -12.06 -9.48 6.48
CA SER A 349 -12.86 -9.16 5.29
C SER A 349 -13.59 -10.38 4.70
N VAL A 350 -13.13 -11.63 4.98
CA VAL A 350 -13.74 -12.84 4.34
C VAL A 350 -14.60 -13.62 5.30
N PHE A 351 -14.59 -13.31 6.59
CA PHE A 351 -15.22 -14.20 7.59
C PHE A 351 -16.71 -14.32 7.33
N GLU A 352 -17.41 -13.19 7.09
CA GLU A 352 -18.87 -13.33 6.88
C GLU A 352 -19.25 -14.16 5.67
N ASP A 353 -18.67 -13.86 4.53
CA ASP A 353 -19.14 -14.46 3.29
C ASP A 353 -18.67 -15.92 3.15
N LEU A 354 -17.60 -16.29 3.89
CA LEU A 354 -17.12 -17.67 3.90
C LEU A 354 -17.62 -18.49 5.08
N LYS A 355 -18.66 -17.98 5.76
CA LYS A 355 -19.38 -18.71 6.79
C LYS A 355 -18.55 -19.12 7.99
N PHE A 356 -17.58 -18.29 8.36
CA PHE A 356 -16.95 -18.43 9.64
C PHE A 356 -17.87 -17.98 10.74
N GLY A 357 -17.73 -18.61 11.89
CA GLY A 357 -18.42 -18.22 13.14
C GLY A 357 -17.38 -17.59 14.08
N GLU A 358 -17.81 -16.57 14.79
CA GLU A 358 -16.97 -16.00 15.81
C GLU A 358 -16.75 -16.92 17.02
N GLY A 359 -15.50 -17.02 17.53
CA GLY A 359 -15.18 -17.90 18.65
C GLY A 359 -15.50 -17.18 19.95
N ASP A 360 -15.07 -17.71 21.06
CA ASP A 360 -15.50 -17.12 22.32
C ASP A 360 -14.39 -16.38 23.04
N GLY A 361 -13.37 -16.00 22.31
CA GLY A 361 -12.29 -15.29 22.95
C GLY A 361 -11.34 -14.66 21.98
N SER A 362 -10.22 -14.19 22.57
CA SER A 362 -9.26 -13.52 21.69
C SER A 362 -7.85 -13.86 22.07
N LEU A 363 -6.96 -13.68 21.06
CA LEU A 363 -5.52 -13.93 21.31
C LEU A 363 -4.86 -12.57 21.40
N LYS A 364 -4.14 -12.39 22.49
CA LYS A 364 -3.37 -11.14 22.74
C LYS A 364 -1.94 -11.30 22.31
N TYR A 365 -1.44 -10.30 21.58
CA TYR A 365 -0.01 -10.24 21.18
C TYR A 365 0.75 -9.29 22.12
N TYR A 366 1.92 -9.76 22.55
CA TYR A 366 2.75 -9.02 23.54
C TYR A 366 4.16 -8.87 23.09
N LEU A 367 4.76 -7.76 23.50
CA LEU A 367 6.23 -7.62 23.35
C LEU A 367 6.85 -7.45 24.75
N TYR A 368 8.06 -7.98 24.91
CA TYR A 368 8.84 -7.77 26.12
C TYR A 368 9.90 -6.74 25.88
N ASN A 369 9.99 -5.78 26.81
CA ASN A 369 11.03 -4.72 26.78
C ASN A 369 10.89 -3.91 25.51
N TRP A 370 9.65 -3.49 25.21
CA TRP A 370 9.44 -2.64 24.05
C TRP A 370 8.22 -1.75 24.33
N LYS A 371 8.42 -0.45 24.11
CA LYS A 371 7.25 0.48 24.28
C LYS A 371 6.87 0.98 22.93
N CYS A 372 5.55 0.94 22.67
CA CYS A 372 5.01 1.40 21.39
C CYS A 372 3.52 1.54 21.57
N ALA A 373 2.89 2.26 20.63
CA ALA A 373 1.43 2.37 20.62
C ALA A 373 0.81 1.04 20.31
N SER A 374 -0.25 0.75 21.02
CA SER A 374 -1.07 -0.45 20.60
C SER A 374 -1.85 -0.16 19.31
N PHE A 375 -2.37 -1.20 18.70
CA PHE A 375 -2.94 -1.06 17.35
C PHE A 375 -4.00 -2.13 17.06
N ALA A 376 -4.91 -1.83 16.12
CA ALA A 376 -5.96 -2.74 15.77
C ALA A 376 -5.32 -3.98 15.10
N PRO A 377 -5.99 -5.13 15.25
CA PRO A 377 -5.42 -6.40 14.72
C PRO A 377 -5.31 -6.47 13.22
N ALA A 378 -6.04 -5.63 12.46
CA ALA A 378 -5.82 -5.54 11.00
C ALA A 378 -4.35 -5.18 10.64
N HIS A 379 -3.67 -4.50 11.58
CA HIS A 379 -2.27 -4.11 11.41
C HIS A 379 -1.27 -5.17 11.86
N VAL A 380 -1.75 -6.27 12.49
CA VAL A 380 -0.87 -7.44 12.85
C VAL A 380 -0.62 -8.24 11.56
N GLY A 381 0.68 -8.52 11.37
CA GLY A 381 1.04 -9.33 10.17
C GLY A 381 1.90 -10.52 10.53
N ILE A 382 1.70 -11.11 11.72
CA ILE A 382 2.45 -12.24 12.18
C ILE A 382 1.49 -13.17 12.88
N VAL A 383 1.67 -14.44 12.57
CA VAL A 383 0.85 -15.53 13.16
C VAL A 383 1.84 -16.40 13.86
N LEU A 384 1.65 -16.56 15.16
CA LEU A 384 2.53 -17.43 15.95
CA LEU A 384 2.47 -17.41 16.03
C LEU A 384 1.91 -18.83 16.10
N LEU A 385 2.71 -19.74 16.73
CA LEU A 385 2.29 -21.15 16.77
C LEU A 385 1.50 -21.52 18.04
N MET B 1 -32.75 -6.62 -1.78
CA MET B 1 -32.19 -7.94 -2.25
C MET B 1 -32.14 -8.31 -3.78
N ASP B 2 -33.07 -7.81 -4.64
CA ASP B 2 -32.89 -7.86 -6.12
C ASP B 2 -31.97 -6.72 -6.68
N TYR B 3 -31.91 -5.60 -5.99
CA TYR B 3 -31.17 -4.39 -6.46
C TYR B 3 -31.38 -4.04 -7.91
N LYS B 4 -32.64 -3.88 -8.29
CA LYS B 4 -32.96 -3.66 -9.72
C LYS B 4 -32.45 -2.30 -10.28
N PHE B 5 -32.31 -1.29 -9.39
CA PHE B 5 -31.71 -0.01 -9.81
C PHE B 5 -30.20 -0.13 -9.73
N TRP B 6 -29.74 -0.58 -8.57
CA TRP B 6 -28.26 -0.57 -8.36
C TRP B 6 -27.53 -1.43 -9.31
N TYR B 7 -28.14 -2.52 -9.79
CA TYR B 7 -27.39 -3.33 -10.74
C TYR B 7 -27.31 -2.74 -12.16
N THR B 8 -27.96 -1.61 -12.47
CA THR B 8 -27.73 -0.89 -13.71
C THR B 8 -26.55 0.10 -13.59
N GLN B 9 -26.02 0.25 -12.38
CA GLN B 9 -25.01 1.31 -12.09
C GLN B 9 -23.61 0.69 -12.06
N PRO B 10 -22.60 1.54 -12.25
CA PRO B 10 -21.20 1.09 -12.24
C PRO B 10 -20.77 1.00 -10.76
N VAL B 11 -21.26 -0.05 -10.09
CA VAL B 11 -20.88 -0.38 -8.70
C VAL B 11 -20.69 -1.92 -8.71
N PRO B 12 -20.05 -2.49 -7.69
CA PRO B 12 -19.92 -3.93 -7.68
C PRO B 12 -21.29 -4.62 -7.43
N LYS B 13 -21.50 -5.80 -8.00
CA LYS B 13 -22.61 -6.68 -7.52
C LYS B 13 -22.28 -7.16 -6.12
N ILE B 14 -23.29 -7.65 -5.40
CA ILE B 14 -23.13 -7.89 -3.96
C ILE B 14 -22.04 -8.95 -3.61
N ASN B 15 -21.82 -9.86 -4.56
CA ASN B 15 -20.77 -10.84 -4.27
CA ASN B 15 -20.85 -10.96 -4.54
C ASN B 15 -19.48 -10.54 -5.02
N ASP B 16 -19.40 -9.37 -5.69
CA ASP B 16 -18.14 -9.03 -6.38
C ASP B 16 -17.01 -8.63 -5.44
N GLU B 17 -15.87 -9.33 -5.57
CA GLU B 17 -14.65 -8.91 -4.88
C GLU B 17 -13.55 -8.58 -5.91
N PHE B 18 -12.53 -7.87 -5.43
CA PHE B 18 -11.38 -7.51 -6.24
C PHE B 18 -10.07 -7.74 -5.52
N ASN B 19 -9.05 -8.15 -6.26
CA ASN B 19 -7.66 -8.18 -5.71
CA ASN B 19 -7.63 -8.18 -5.90
C ASN B 19 -7.20 -6.80 -5.29
N GLU B 20 -6.42 -6.76 -4.21
CA GLU B 20 -5.91 -5.51 -3.69
CA GLU B 20 -5.93 -5.47 -3.71
C GLU B 20 -5.28 -4.62 -4.77
N SER B 21 -4.78 -5.19 -5.86
CA SER B 21 -4.07 -4.38 -6.82
C SER B 21 -5.03 -3.68 -7.76
N VAL B 22 -6.24 -4.17 -7.89
CA VAL B 22 -7.23 -3.46 -8.74
C VAL B 22 -7.62 -2.17 -8.08
N ASN B 23 -7.52 -1.05 -8.80
CA ASN B 23 -7.92 0.23 -8.18
C ASN B 23 -8.13 1.20 -9.32
N GLU B 24 -9.36 1.13 -9.84
CA GLU B 24 -9.61 1.89 -11.08
C GLU B 24 -11.10 2.00 -11.29
N PRO B 25 -11.56 2.82 -12.28
CA PRO B 25 -12.99 2.90 -12.47
C PRO B 25 -13.63 1.62 -13.06
N PHE B 26 -14.92 1.44 -12.85
CA PHE B 26 -15.67 0.46 -13.66
C PHE B 26 -15.75 0.91 -15.11
N ILE B 27 -16.03 2.21 -15.33
CA ILE B 27 -16.17 2.77 -16.69
C ILE B 27 -15.22 3.93 -16.78
N SER B 28 -14.24 3.87 -17.70
CA SER B 28 -13.27 4.90 -17.96
CA SER B 28 -13.34 4.99 -17.93
C SER B 28 -13.54 5.58 -19.31
N ASP B 29 -12.70 6.59 -19.62
CA ASP B 29 -12.75 7.24 -20.92
CA ASP B 29 -12.78 7.28 -20.91
C ASP B 29 -14.14 7.91 -21.10
N ASN B 30 -14.66 8.43 -20.01
CA ASN B 30 -15.94 9.10 -20.09
C ASN B 30 -15.84 10.45 -20.76
N LYS B 31 -16.92 10.97 -21.36
CA LYS B 31 -16.84 12.23 -22.11
C LYS B 31 -17.92 13.14 -21.67
N VAL B 32 -17.52 14.35 -21.26
CA VAL B 32 -18.56 15.34 -20.89
C VAL B 32 -19.52 15.62 -22.02
N GLU B 33 -18.99 15.66 -23.24
CA GLU B 33 -19.80 15.95 -24.44
CA GLU B 33 -19.80 15.96 -24.41
C GLU B 33 -20.94 14.98 -24.64
N ASP B 34 -20.82 13.77 -24.11
CA ASP B 34 -21.84 12.75 -24.33
C ASP B 34 -22.84 12.71 -23.20
N VAL B 35 -22.61 13.45 -22.10
CA VAL B 35 -23.51 13.34 -20.92
C VAL B 35 -24.89 13.86 -21.34
N ARG B 36 -25.97 13.23 -20.87
CA ARG B 36 -27.34 13.71 -21.10
C ARG B 36 -27.48 15.14 -20.73
N LYS B 37 -27.99 15.92 -21.70
CA LYS B 37 -28.12 17.35 -21.35
CA LYS B 37 -28.25 17.37 -21.60
C LYS B 37 -29.47 17.74 -20.78
N ASP B 38 -30.43 16.86 -20.80
CA ASP B 38 -31.81 17.07 -20.30
C ASP B 38 -31.94 16.54 -18.87
N GLU B 39 -32.65 17.28 -18.00
CA GLU B 39 -33.00 16.73 -16.68
C GLU B 39 -33.76 15.43 -16.79
N TYR B 40 -33.55 14.52 -15.85
CA TYR B 40 -34.40 13.29 -15.76
C TYR B 40 -35.83 13.71 -15.57
N LYS B 41 -36.72 12.81 -16.05
CA LYS B 41 -38.14 13.03 -15.91
CA LYS B 41 -38.15 13.04 -15.91
C LYS B 41 -38.62 12.64 -14.52
N LEU B 42 -39.46 13.51 -13.92
CA LEU B 42 -40.11 13.25 -12.69
C LEU B 42 -41.57 12.83 -12.98
N PRO B 43 -42.23 12.19 -12.01
CA PRO B 43 -43.66 11.86 -12.27
C PRO B 43 -44.50 13.13 -12.42
N PRO B 44 -45.72 13.02 -13.00
CA PRO B 44 -46.54 14.23 -13.19
C PRO B 44 -46.84 14.96 -11.87
N GLY B 45 -46.71 16.28 -11.92
CA GLY B 45 -46.97 17.09 -10.70
C GLY B 45 -45.77 17.44 -9.86
N TYR B 46 -44.61 16.91 -10.26
CA TYR B 46 -43.36 17.19 -9.51
C TYR B 46 -42.37 17.91 -10.40
N SER B 47 -41.53 18.76 -9.82
CA SER B 47 -40.59 19.58 -10.57
CA SER B 47 -40.53 19.47 -10.62
C SER B 47 -39.23 19.60 -9.83
N TRP B 48 -38.15 19.73 -10.58
CA TRP B 48 -36.86 20.00 -10.00
C TRP B 48 -36.86 21.41 -9.50
N TYR B 49 -36.13 21.64 -8.40
CA TYR B 49 -36.01 22.99 -7.81
C TYR B 49 -34.53 23.26 -7.60
N VAL B 50 -34.11 24.49 -7.95
CA VAL B 50 -32.72 24.90 -7.68
C VAL B 50 -32.61 25.46 -6.29
N CYS B 51 -32.18 24.65 -5.36
CA CYS B 51 -32.05 25.10 -3.95
C CYS B 51 -30.88 26.02 -3.82
N ASP B 52 -31.13 27.23 -3.31
CA ASP B 52 -30.03 28.15 -2.97
C ASP B 52 -29.78 28.10 -1.48
N VAL B 53 -28.72 27.33 -1.09
CA VAL B 53 -28.59 27.04 0.33
CA VAL B 53 -28.50 27.03 0.30
C VAL B 53 -28.14 28.30 1.09
N LYS B 54 -27.66 29.33 0.35
CA LYS B 54 -27.33 30.59 1.01
C LYS B 54 -28.55 31.47 1.20
N ASP B 55 -29.68 31.09 0.57
CA ASP B 55 -30.96 31.81 0.73
C ASP B 55 -31.66 31.27 1.99
N GLU B 56 -32.07 32.17 2.85
CA GLU B 56 -32.65 31.74 4.08
C GLU B 56 -33.93 30.91 3.83
N LYS B 57 -34.83 31.37 2.95
CA LYS B 57 -36.06 30.64 2.64
CA LYS B 57 -36.03 30.54 2.83
C LYS B 57 -35.78 29.20 2.15
N ASP B 58 -34.91 29.12 1.14
CA ASP B 58 -34.64 27.79 0.53
C ASP B 58 -34.00 26.86 1.59
N ARG B 59 -33.05 27.39 2.37
CA ARG B 59 -32.44 26.58 3.41
C ARG B 59 -33.40 26.12 4.47
N SER B 60 -34.34 26.99 4.86
CA SER B 60 -35.34 26.56 5.83
CA SER B 60 -35.37 26.59 5.80
C SER B 60 -36.24 25.43 5.26
N GLU B 61 -36.56 25.47 3.97
CA GLU B 61 -37.28 24.39 3.30
CA GLU B 61 -37.35 24.36 3.45
C GLU B 61 -36.54 23.06 3.40
N ILE B 62 -35.24 23.12 3.15
CA ILE B 62 -34.42 21.90 3.26
C ILE B 62 -34.42 21.39 4.70
N TYR B 63 -34.17 22.33 5.61
CA TYR B 63 -34.22 22.01 7.05
C TYR B 63 -35.55 21.31 7.43
N THR B 64 -36.71 21.87 6.99
CA THR B 64 -37.97 21.27 7.35
C THR B 64 -38.13 19.85 6.81
N LEU B 65 -37.71 19.68 5.55
CA LEU B 65 -37.77 18.37 4.93
C LEU B 65 -36.94 17.35 5.69
N LEU B 66 -35.70 17.71 6.05
CA LEU B 66 -34.86 16.71 6.74
C LEU B 66 -35.31 16.49 8.18
N THR B 67 -35.72 17.57 8.84
CA THR B 67 -36.15 17.40 10.25
C THR B 67 -37.32 16.41 10.36
N ASP B 68 -38.24 16.51 9.38
CA ASP B 68 -39.39 15.59 9.40
C ASP B 68 -39.20 14.26 8.78
N ASN B 69 -38.21 14.10 7.88
CA ASN B 69 -38.20 12.90 7.03
C ASN B 69 -36.85 12.24 6.88
N TYR B 70 -35.81 12.69 7.63
CA TYR B 70 -34.53 12.08 7.46
C TYR B 70 -34.31 10.86 8.27
N VAL B 71 -33.03 10.45 8.40
CA VAL B 71 -32.68 9.12 8.97
C VAL B 71 -33.12 8.92 10.41
N GLU B 72 -33.80 7.81 10.71
CA GLU B 72 -34.06 7.36 12.12
C GLU B 72 -33.18 6.19 12.47
N ASP B 73 -33.02 5.97 13.77
CA ASP B 73 -32.33 4.75 14.24
C ASP B 73 -33.25 3.54 13.94
N ASP B 74 -32.70 2.37 14.10
CA ASP B 74 -33.48 1.18 13.75
C ASP B 74 -34.64 0.97 14.64
N ASP B 75 -34.62 1.52 15.84
CA ASP B 75 -35.74 1.33 16.78
C ASP B 75 -36.73 2.41 16.62
N ASN B 76 -36.46 3.36 15.71
CA ASN B 76 -37.41 4.45 15.41
CA ASN B 76 -37.37 4.46 15.44
C ASN B 76 -37.70 5.36 16.63
N ILE B 77 -36.70 5.57 17.47
CA ILE B 77 -36.74 6.44 18.66
C ILE B 77 -36.12 7.86 18.41
N PHE B 78 -35.19 7.98 17.44
CA PHE B 78 -34.46 9.21 17.22
C PHE B 78 -34.53 9.49 15.71
N ARG B 79 -34.51 10.75 15.32
CA ARG B 79 -34.33 11.12 13.91
C ARG B 79 -33.25 12.20 13.86
N PHE B 80 -32.22 12.02 12.97
CA PHE B 80 -31.20 13.10 12.86
C PHE B 80 -31.88 14.44 12.64
N ASN B 81 -31.32 15.54 13.26
CA ASN B 81 -31.93 16.88 13.14
C ASN B 81 -30.80 17.84 12.85
N TYR B 82 -30.21 17.68 11.66
CA TYR B 82 -29.15 18.63 11.24
C TYR B 82 -29.66 20.05 11.30
N SER B 83 -28.87 20.99 11.85
CA SER B 83 -29.39 22.37 11.93
C SER B 83 -29.25 23.09 10.58
N ALA B 84 -29.96 24.17 10.41
CA ALA B 84 -29.88 24.92 9.16
C ALA B 84 -28.45 25.54 9.03
N GLU B 85 -27.82 25.94 10.15
CA GLU B 85 -26.43 26.46 10.07
CA GLU B 85 -26.47 26.42 10.12
C GLU B 85 -25.47 25.31 9.71
N PHE B 86 -25.76 24.10 10.15
CA PHE B 86 -24.91 22.98 9.77
C PHE B 86 -25.06 22.71 8.25
N LEU B 87 -26.29 22.70 7.71
CA LEU B 87 -26.48 22.49 6.27
C LEU B 87 -25.79 23.57 5.47
N LEU B 88 -25.80 24.82 5.92
CA LEU B 88 -25.05 25.83 5.18
C LEU B 88 -23.51 25.48 5.08
N TRP B 89 -22.97 25.17 6.24
CA TRP B 89 -21.55 24.82 6.31
C TRP B 89 -21.26 23.57 5.46
N ALA B 90 -22.09 22.51 5.59
CA ALA B 90 -21.85 21.29 4.89
C ALA B 90 -21.89 21.40 3.37
N LEU B 91 -22.66 22.37 2.86
CA LEU B 91 -22.93 22.40 1.41
C LEU B 91 -22.18 23.51 0.68
N THR B 92 -21.48 24.40 1.39
CA THR B 92 -20.82 25.56 0.73
C THR B 92 -19.31 25.54 0.92
N SER B 93 -18.76 24.32 0.92
CA SER B 93 -17.33 24.16 0.92
C SER B 93 -16.65 24.67 -0.33
N PRO B 94 -15.32 24.79 -0.32
CA PRO B 94 -14.61 25.51 -1.42
C PRO B 94 -14.87 24.86 -2.78
N ASN B 95 -15.17 25.73 -3.73
CA ASN B 95 -15.47 25.31 -5.11
C ASN B 95 -16.82 24.56 -5.23
N TYR B 96 -17.74 24.69 -4.24
CA TYR B 96 -18.99 23.94 -4.38
C TYR B 96 -19.75 24.39 -5.64
N LEU B 97 -20.58 23.46 -6.10
CA LEU B 97 -21.49 23.75 -7.29
C LEU B 97 -22.92 23.94 -6.79
N LYS B 98 -23.51 25.08 -7.11
CA LYS B 98 -24.90 25.38 -6.83
CA LYS B 98 -24.91 25.33 -6.75
C LYS B 98 -25.83 24.34 -7.53
N THR B 99 -25.35 23.83 -8.68
CA THR B 99 -26.10 22.84 -9.45
C THR B 99 -26.27 21.52 -8.71
N TRP B 100 -25.42 21.25 -7.71
CA TRP B 100 -25.45 19.96 -7.00
C TRP B 100 -26.26 20.03 -5.72
N HIS B 101 -27.10 21.08 -5.50
CA HIS B 101 -28.00 21.12 -4.38
C HIS B 101 -29.41 21.02 -4.92
N ILE B 102 -29.95 19.81 -4.89
CA ILE B 102 -31.08 19.52 -5.84
C ILE B 102 -32.32 19.23 -5.03
N GLY B 103 -33.38 20.02 -5.27
CA GLY B 103 -34.68 19.74 -4.62
C GLY B 103 -35.71 19.20 -5.62
N VAL B 104 -36.76 18.61 -5.06
CA VAL B 104 -37.94 18.23 -5.88
C VAL B 104 -39.13 18.78 -5.13
N LYS B 105 -39.97 19.55 -5.88
CA LYS B 105 -41.20 20.13 -5.26
C LYS B 105 -42.43 19.40 -5.80
N TYR B 106 -43.43 19.25 -4.95
CA TYR B 106 -44.78 18.98 -5.38
C TYR B 106 -45.47 20.31 -5.80
N ASP B 107 -45.80 20.42 -7.09
CA ASP B 107 -46.17 21.70 -7.69
C ASP B 107 -47.43 22.28 -7.06
N ALA B 108 -48.40 21.40 -6.77
CA ALA B 108 -49.77 21.85 -6.36
C ALA B 108 -49.65 22.56 -5.02
N SER B 109 -48.73 22.08 -4.15
CA SER B 109 -48.51 22.65 -2.82
C SER B 109 -47.26 23.57 -2.72
N ASN B 110 -46.41 23.59 -3.75
CA ASN B 110 -45.10 24.27 -3.75
C ASN B 110 -44.30 23.84 -2.52
N LYS B 111 -44.36 22.56 -2.22
CA LYS B 111 -43.67 22.03 -1.06
CA LYS B 111 -43.78 21.94 -1.07
C LYS B 111 -42.50 21.11 -1.47
N LEU B 112 -41.42 21.32 -0.75
CA LEU B 112 -40.19 20.53 -1.00
C LEU B 112 -40.45 19.07 -0.48
N ILE B 113 -40.39 18.02 -1.34
CA ILE B 113 -40.62 16.70 -0.93
C ILE B 113 -39.42 15.78 -1.16
N GLY B 114 -38.33 16.32 -1.76
CA GLY B 114 -37.15 15.46 -2.02
C GLY B 114 -35.94 16.35 -2.08
N PHE B 115 -34.77 15.78 -1.72
CA PHE B 115 -33.55 16.52 -1.84
C PHE B 115 -32.39 15.50 -1.98
N ILE B 116 -31.32 15.98 -2.65
CA ILE B 116 -30.05 15.26 -2.67
C ILE B 116 -29.00 16.32 -2.91
N SER B 117 -27.79 16.09 -2.40
CA SER B 117 -26.73 17.10 -2.56
C SER B 117 -25.38 16.44 -2.68
N ALA B 118 -24.41 17.21 -3.18
CA ALA B 118 -23.00 16.77 -3.14
C ALA B 118 -22.13 18.00 -3.14
N ILE B 119 -20.88 17.76 -2.71
CA ILE B 119 -19.81 18.79 -2.85
CA ILE B 119 -19.81 18.76 -2.77
C ILE B 119 -18.58 18.07 -3.41
N PRO B 120 -17.71 18.84 -4.08
CA PRO B 120 -16.55 18.20 -4.65
C PRO B 120 -15.37 18.14 -3.69
N THR B 121 -14.59 17.05 -3.78
CA THR B 121 -13.35 17.00 -2.96
C THR B 121 -12.40 15.99 -3.62
N ASP B 122 -11.11 16.08 -3.36
CA ASP B 122 -10.17 15.07 -3.87
C ASP B 122 -10.06 13.97 -2.82
N ILE B 123 -10.25 12.74 -3.29
CA ILE B 123 -10.26 11.59 -2.42
C ILE B 123 -9.09 10.69 -2.85
N CYS B 124 -8.26 10.25 -1.88
CA CYS B 124 -7.20 9.28 -2.12
C CYS B 124 -7.76 7.92 -1.71
N ILE B 125 -7.81 7.01 -2.70
CA ILE B 125 -8.20 5.60 -2.50
C ILE B 125 -7.03 4.73 -2.95
N HIS B 126 -6.50 3.93 -2.00
CA HIS B 126 -5.34 3.06 -2.27
CA HIS B 126 -5.33 3.04 -2.25
C HIS B 126 -4.26 3.82 -3.04
N LYS B 127 -3.89 5.01 -2.54
CA LYS B 127 -2.79 5.85 -3.11
C LYS B 127 -3.04 6.49 -4.49
N ARG B 128 -4.24 6.37 -5.04
CA ARG B 128 -4.61 7.16 -6.19
C ARG B 128 -5.53 8.31 -5.75
N THR B 129 -5.22 9.54 -6.20
CA THR B 129 -6.07 10.72 -5.81
C THR B 129 -7.00 11.02 -6.99
N ILE B 130 -8.29 11.03 -6.67
CA ILE B 130 -9.31 11.14 -7.74
C ILE B 130 -10.24 12.28 -7.28
N LYS B 131 -10.63 13.16 -8.17
CA LYS B 131 -11.66 14.16 -7.88
CA LYS B 131 -11.66 14.16 -7.86
C LYS B 131 -13.04 13.46 -7.80
N MET B 132 -13.78 13.65 -6.67
CA MET B 132 -15.04 12.93 -6.48
C MET B 132 -16.10 13.86 -6.00
N ALA B 133 -17.36 13.46 -6.14
CA ALA B 133 -18.41 14.08 -5.36
C ALA B 133 -18.64 13.36 -4.08
N GLU B 134 -18.83 14.13 -3.00
CA GLU B 134 -19.28 13.51 -1.74
CA GLU B 134 -19.30 13.55 -1.71
C GLU B 134 -20.79 13.78 -1.61
N VAL B 135 -21.61 12.72 -1.66
CA VAL B 135 -23.07 12.83 -1.71
C VAL B 135 -23.65 12.62 -0.38
N ASN B 136 -24.67 13.47 -0.04
CA ASN B 136 -25.23 13.36 1.28
C ASN B 136 -26.66 13.97 1.23
N PHE B 137 -27.41 13.68 2.29
CA PHE B 137 -28.72 14.32 2.52
C PHE B 137 -29.76 13.87 1.51
N LEU B 138 -29.62 12.68 0.95
CA LEU B 138 -30.68 12.14 0.09
C LEU B 138 -31.93 11.89 0.97
N CYS B 139 -33.08 12.47 0.57
CA CYS B 139 -34.30 12.37 1.44
C CYS B 139 -35.53 12.49 0.57
N VAL B 140 -36.41 11.50 0.73
CA VAL B 140 -37.79 11.51 0.14
C VAL B 140 -38.78 11.68 1.26
N HIS B 141 -39.80 12.53 1.08
CA HIS B 141 -40.83 12.69 2.13
C HIS B 141 -41.48 11.35 2.48
N LYS B 142 -41.73 11.15 3.77
CA LYS B 142 -42.20 9.88 4.29
C LYS B 142 -43.51 9.48 3.56
N THR B 143 -44.30 10.47 3.13
CA THR B 143 -45.58 10.15 2.45
C THR B 143 -45.40 9.65 1.01
N LEU B 144 -44.18 9.74 0.46
CA LEU B 144 -43.93 9.41 -0.93
C LEU B 144 -42.90 8.30 -1.04
N ARG B 145 -42.81 7.45 0.00
CA ARG B 145 -41.76 6.40 0.02
C ARG B 145 -42.09 5.21 -0.90
N SER B 146 -41.05 4.49 -1.36
CA SER B 146 -41.26 3.31 -2.19
C SER B 146 -41.98 3.55 -3.51
N LYS B 147 -41.84 4.77 -4.04
CA LYS B 147 -42.31 5.16 -5.37
C LYS B 147 -41.20 5.27 -6.39
N ARG B 148 -40.00 4.77 -6.07
CA ARG B 148 -38.89 4.93 -7.05
C ARG B 148 -38.49 6.36 -7.32
N LEU B 149 -38.69 7.28 -6.38
CA LEU B 149 -38.15 8.62 -6.58
C LEU B 149 -36.64 8.66 -6.33
N ALA B 150 -36.15 7.87 -5.40
CA ALA B 150 -34.72 7.99 -5.01
C ALA B 150 -33.85 7.74 -6.25
N PRO B 151 -34.13 6.72 -7.12
CA PRO B 151 -33.21 6.53 -8.27
C PRO B 151 -33.26 7.73 -9.21
N VAL B 152 -34.37 8.46 -9.27
CA VAL B 152 -34.40 9.65 -10.14
C VAL B 152 -33.46 10.72 -9.54
N LEU B 153 -33.54 10.94 -8.21
CA LEU B 153 -32.61 11.89 -7.57
C LEU B 153 -31.16 11.49 -7.81
N ILE B 154 -30.86 10.18 -7.65
CA ILE B 154 -29.49 9.71 -7.83
C ILE B 154 -29.03 9.92 -9.27
N LYS B 155 -29.85 9.54 -10.25
CA LYS B 155 -29.43 9.64 -11.67
C LYS B 155 -29.24 11.13 -12.04
N GLU B 156 -30.13 11.97 -11.54
CA GLU B 156 -30.02 13.45 -11.87
C GLU B 156 -28.77 14.05 -11.23
N ILE B 157 -28.44 13.72 -9.96
CA ILE B 157 -27.19 14.35 -9.45
C ILE B 157 -25.99 13.73 -10.15
N THR B 158 -26.02 12.45 -10.50
CA THR B 158 -24.91 11.82 -11.32
C THR B 158 -24.68 12.59 -12.58
N ARG B 159 -25.78 12.92 -13.23
CA ARG B 159 -25.69 13.68 -14.53
C ARG B 159 -25.03 15.07 -14.29
N ARG B 160 -25.45 15.74 -13.23
CA ARG B 160 -24.87 17.10 -13.01
C ARG B 160 -23.42 17.06 -12.58
N ILE B 161 -23.01 16.00 -11.86
CA ILE B 161 -21.65 15.81 -11.46
C ILE B 161 -20.80 15.45 -12.68
N ASN B 162 -21.32 14.58 -13.55
CA ASN B 162 -20.59 14.24 -14.78
C ASN B 162 -20.34 15.48 -15.69
N LEU B 163 -21.27 16.47 -15.63
CA LEU B 163 -21.09 17.73 -16.43
C LEU B 163 -19.85 18.48 -15.94
N GLU B 164 -19.36 18.11 -14.77
CA GLU B 164 -18.08 18.73 -14.22
C GLU B 164 -16.88 17.85 -14.50
N ASN B 165 -17.03 16.84 -15.38
CA ASN B 165 -15.97 15.87 -15.67
C ASN B 165 -15.48 15.19 -14.41
N ILE B 166 -16.46 14.85 -13.56
CA ILE B 166 -16.26 14.02 -12.35
C ILE B 166 -17.09 12.80 -12.47
N TRP B 167 -16.44 11.64 -12.25
CA TRP B 167 -17.11 10.36 -12.62
C TRP B 167 -17.11 9.36 -11.47
N GLN B 168 -16.63 9.81 -10.29
CA GLN B 168 -16.61 8.99 -9.09
C GLN B 168 -17.30 9.71 -7.96
N ALA B 169 -17.85 9.00 -6.95
CA ALA B 169 -18.40 9.68 -5.79
C ALA B 169 -18.13 8.80 -4.58
N ILE B 170 -18.23 9.44 -3.42
CA ILE B 170 -18.14 8.69 -2.12
C ILE B 170 -19.40 9.03 -1.34
N TYR B 171 -19.86 8.05 -0.55
CA TYR B 171 -21.11 8.25 0.23
C TYR B 171 -21.15 7.18 1.31
N THR B 172 -21.95 7.43 2.33
CA THR B 172 -22.08 6.45 3.40
C THR B 172 -23.54 6.10 3.59
N ALA B 173 -23.85 4.98 4.23
CA ALA B 173 -25.24 4.73 4.64
C ALA B 173 -25.25 3.69 5.72
N GLY B 174 -26.28 3.71 6.55
CA GLY B 174 -26.43 2.63 7.53
C GLY B 174 -27.04 1.39 6.86
N VAL B 175 -27.70 1.54 5.73
CA VAL B 175 -28.28 0.33 5.00
C VAL B 175 -27.18 -0.31 4.09
N TYR B 176 -27.33 -1.59 3.84
CA TYR B 176 -26.47 -2.32 2.98
C TYR B 176 -26.92 -2.13 1.58
N LEU B 177 -25.99 -1.69 0.71
CA LEU B 177 -26.22 -1.49 -0.79
C LEU B 177 -25.06 -2.16 -1.48
N PRO B 178 -25.12 -2.39 -2.77
CA PRO B 178 -23.94 -2.86 -3.51
C PRO B 178 -22.91 -1.74 -3.68
N LYS B 179 -21.68 -1.80 -3.14
CA LYS B 179 -21.25 -2.81 -2.17
CA LYS B 179 -21.20 -2.83 -2.18
C LYS B 179 -20.22 -2.04 -1.32
N PRO B 180 -20.28 -2.19 0.00
CA PRO B 180 -19.32 -1.36 0.81
C PRO B 180 -17.85 -1.61 0.51
N VAL B 181 -17.06 -0.54 0.49
CA VAL B 181 -15.56 -0.68 0.52
C VAL B 181 -15.12 -0.87 1.94
N SER B 182 -15.91 -0.47 2.91
CA SER B 182 -15.55 -0.74 4.37
C SER B 182 -16.86 -0.59 5.16
N ASP B 183 -16.86 -1.15 6.37
CA ASP B 183 -18.07 -1.20 7.20
C ASP B 183 -17.54 -0.97 8.65
N ALA B 184 -18.00 0.12 9.27
CA ALA B 184 -17.45 0.49 10.58
C ALA B 184 -18.54 0.52 11.60
N ARG B 185 -18.42 -0.28 12.66
CA ARG B 185 -19.32 -0.13 13.82
C ARG B 185 -19.17 1.24 14.48
N TYR B 186 -20.29 1.75 15.03
CA TYR B 186 -20.26 3.00 15.81
C TYR B 186 -20.39 2.68 17.30
N TYR B 187 -19.79 3.55 18.05
CA TYR B 187 -19.70 3.47 19.54
CA TYR B 187 -19.68 3.48 19.53
C TYR B 187 -20.04 4.83 20.12
N HIS B 188 -20.53 4.82 21.36
CA HIS B 188 -20.88 6.09 22.00
C HIS B 188 -20.29 6.15 23.38
N ARG B 189 -20.00 7.37 23.84
CA ARG B 189 -19.52 7.59 25.16
C ARG B 189 -20.54 8.47 25.84
N SER B 190 -21.21 7.93 26.87
CA SER B 190 -22.25 8.72 27.55
C SER B 190 -21.63 9.87 28.28
N ILE B 191 -22.27 11.04 28.19
CA ILE B 191 -21.88 12.17 29.00
C ILE B 191 -22.98 12.56 30.02
N ASN B 192 -24.20 12.81 29.56
CA ASN B 192 -25.33 13.11 30.50
C ASN B 192 -26.12 11.85 30.66
N VAL B 193 -25.67 11.05 31.64
CA VAL B 193 -26.10 9.70 31.77
C VAL B 193 -27.59 9.55 32.09
N LYS B 194 -28.04 10.36 33.01
CA LYS B 194 -29.50 10.31 33.42
C LYS B 194 -30.44 10.55 32.21
N LYS B 195 -30.10 11.59 31.39
CA LYS B 195 -30.90 11.85 30.23
C LYS B 195 -30.90 10.70 29.25
N LEU B 196 -29.74 10.14 28.95
CA LEU B 196 -29.70 9.04 28.05
C LEU B 196 -30.46 7.78 28.53
N ILE B 197 -30.52 7.57 29.85
CA ILE B 197 -31.39 6.54 30.47
CA ILE B 197 -31.38 6.50 30.34
C ILE B 197 -32.88 6.91 30.24
N GLU B 198 -33.22 8.13 30.59
CA GLU B 198 -34.64 8.51 30.56
CA GLU B 198 -34.60 8.55 30.55
C GLU B 198 -35.21 8.47 29.14
N ILE B 199 -34.37 8.70 28.12
CA ILE B 199 -34.85 8.66 26.70
C ILE B 199 -34.77 7.27 26.07
N GLY B 200 -34.23 6.31 26.80
CA GLY B 200 -34.03 4.92 26.30
C GLY B 200 -32.78 4.76 25.43
N PHE B 201 -31.86 5.73 25.35
CA PHE B 201 -30.61 5.60 24.50
C PHE B 201 -29.72 4.58 25.26
N SER B 202 -29.76 4.59 26.60
CA SER B 202 -28.93 3.72 27.50
C SER B 202 -29.76 2.94 28.49
N SER B 203 -29.21 1.85 29.08
CA SER B 203 -29.89 0.97 30.05
C SER B 203 -29.25 0.87 31.46
N LEU B 204 -30.08 0.59 32.47
CA LEU B 204 -29.68 0.26 33.85
C LEU B 204 -30.05 -1.20 34.17
N ASN B 205 -29.47 -1.74 35.26
CA ASN B 205 -29.77 -3.13 35.73
C ASN B 205 -29.49 -3.14 37.23
N SER B 206 -29.69 -4.30 37.89
CA SER B 206 -29.55 -4.41 39.35
C SER B 206 -28.12 -4.07 39.84
N ARG B 207 -27.12 -4.45 39.05
CA ARG B 207 -25.74 -4.09 39.36
C ARG B 207 -25.52 -2.61 39.06
N LEU B 208 -25.89 -2.15 37.83
CA LEU B 208 -25.74 -0.74 37.55
C LEU B 208 -27.02 0.07 37.78
N THR B 209 -27.14 0.61 38.97
CA THR B 209 -28.20 1.52 39.39
C THR B 209 -27.96 2.91 38.80
N MET B 210 -28.96 3.80 38.94
CA MET B 210 -28.77 5.14 38.42
C MET B 210 -27.59 5.83 39.01
N SER B 211 -27.40 5.82 40.35
CA SER B 211 -26.22 6.52 40.87
C SER B 211 -24.89 5.87 40.42
N ARG B 212 -24.87 4.53 40.28
CA ARG B 212 -23.58 3.89 39.90
C ARG B 212 -23.31 4.23 38.44
N ALA B 213 -24.32 4.33 37.60
CA ALA B 213 -24.08 4.71 36.18
C ALA B 213 -23.52 6.11 36.11
N ILE B 214 -24.12 7.06 36.88
CA ILE B 214 -23.63 8.46 36.91
C ILE B 214 -22.15 8.50 37.33
N LYS B 215 -21.79 7.73 38.37
CA LYS B 215 -20.40 7.75 38.76
CA LYS B 215 -20.41 7.67 38.79
C LYS B 215 -19.50 7.10 37.72
N LEU B 216 -19.97 6.02 37.10
CA LEU B 216 -19.11 5.30 36.13
C LEU B 216 -18.69 6.23 34.96
N TYR B 217 -19.56 7.10 34.54
CA TYR B 217 -19.29 7.96 33.35
C TYR B 217 -18.84 9.38 33.77
N ARG B 218 -18.59 9.65 35.07
CA ARG B 218 -18.15 10.98 35.53
CA ARG B 218 -18.21 11.01 35.48
C ARG B 218 -16.81 11.30 34.89
N VAL B 219 -16.61 12.55 34.53
CA VAL B 219 -15.29 12.87 33.97
CA VAL B 219 -15.47 13.09 33.73
C VAL B 219 -14.74 14.05 34.70
N GLU B 220 -13.44 13.94 34.84
CA GLU B 220 -12.63 14.99 35.50
C GLU B 220 -12.59 16.25 34.60
N ASP B 221 -12.90 17.45 35.13
CA ASP B 221 -12.95 18.66 34.33
C ASP B 221 -11.53 19.26 34.10
N THR B 222 -10.53 18.41 33.81
CA THR B 222 -9.18 18.91 33.55
C THR B 222 -8.57 18.23 32.29
N LEU B 223 -8.09 19.05 31.36
CA LEU B 223 -7.49 18.55 30.14
C LEU B 223 -6.17 17.86 30.43
N ASN B 224 -5.91 16.75 29.73
CA ASN B 224 -4.61 16.13 29.76
C ASN B 224 -3.60 16.98 28.98
N ILE B 225 -4.04 17.65 27.90
CA ILE B 225 -3.17 18.53 27.12
C ILE B 225 -3.59 19.98 27.49
N LYS B 226 -2.90 20.58 28.45
CA LYS B 226 -3.50 21.73 29.14
C LYS B 226 -3.72 22.92 28.19
N ASN B 227 -2.93 23.07 27.11
CA ASN B 227 -3.03 24.28 26.29
C ASN B 227 -4.01 24.07 25.11
N MET B 228 -4.75 22.96 25.08
CA MET B 228 -5.72 22.71 24.01
CA MET B 228 -5.76 22.78 23.99
C MET B 228 -6.71 23.93 23.97
N ARG B 229 -6.84 24.57 22.80
CA ARG B 229 -7.65 25.78 22.70
C ARG B 229 -8.40 25.82 21.37
N LEU B 230 -9.45 26.61 21.30
CA LEU B 230 -10.13 26.71 20.03
C LEU B 230 -9.21 27.14 18.87
N MET B 231 -9.35 26.52 17.70
CA MET B 231 -8.63 26.89 16.49
C MET B 231 -9.00 28.28 16.03
N LYS B 232 -7.96 28.99 15.60
CA LYS B 232 -8.01 30.34 15.05
CA LYS B 232 -8.15 30.33 14.99
C LYS B 232 -7.55 30.34 13.61
N LYS B 233 -7.88 31.39 12.83
CA LYS B 233 -7.45 31.45 11.46
C LYS B 233 -5.95 31.28 11.28
N LYS B 234 -5.13 31.90 12.19
CA LYS B 234 -3.68 31.77 12.16
CA LYS B 234 -3.70 31.79 12.05
C LYS B 234 -3.18 30.31 12.19
N ASP B 235 -4.04 29.42 12.65
CA ASP B 235 -3.63 28.00 12.82
C ASP B 235 -3.89 27.12 11.59
N VAL B 236 -4.44 27.70 10.53
CA VAL B 236 -4.83 26.89 9.31
C VAL B 236 -3.62 26.21 8.69
N GLU B 237 -2.49 26.86 8.53
CA GLU B 237 -1.31 26.22 7.91
CA GLU B 237 -1.37 26.19 7.89
C GLU B 237 -0.88 25.07 8.78
N GLY B 238 -0.82 25.33 10.10
CA GLY B 238 -0.32 24.26 10.98
C GLY B 238 -1.25 23.02 11.02
N VAL B 239 -2.58 23.26 11.04
CA VAL B 239 -3.58 22.16 10.93
C VAL B 239 -3.46 21.44 9.62
N HIS B 240 -3.30 22.16 8.51
CA HIS B 240 -3.14 21.52 7.22
C HIS B 240 -1.92 20.58 7.18
N LYS B 241 -0.80 21.01 7.80
CA LYS B 241 0.43 20.20 7.79
CA LYS B 241 0.40 20.20 7.78
C LYS B 241 0.20 18.96 8.69
N LEU B 242 -0.30 19.21 9.89
CA LEU B 242 -0.52 18.10 10.82
C LEU B 242 -1.48 17.01 10.28
N LEU B 243 -2.65 17.47 9.88
CA LEU B 243 -3.67 16.54 9.48
C LEU B 243 -3.28 15.91 8.14
N GLY B 244 -2.79 16.71 7.22
CA GLY B 244 -2.43 16.17 5.90
C GLY B 244 -1.39 15.06 5.97
N SER B 245 -0.41 15.19 6.88
CA SER B 245 0.62 14.19 6.97
CA SER B 245 0.66 14.22 7.07
C SER B 245 0.09 12.96 7.69
N TYR B 246 -0.81 13.16 8.65
CA TYR B 246 -1.39 12.06 9.42
C TYR B 246 -2.26 11.16 8.49
N LEU B 247 -3.02 11.80 7.58
CA LEU B 247 -4.02 10.98 6.85
C LEU B 247 -3.36 10.11 5.80
N GLU B 248 -2.09 10.36 5.43
CA GLU B 248 -1.45 9.61 4.38
C GLU B 248 -1.34 8.15 4.67
N GLN B 249 -1.41 7.79 5.94
CA GLN B 249 -1.27 6.39 6.32
C GLN B 249 -2.50 5.54 5.95
N PHE B 250 -3.62 6.19 5.63
CA PHE B 250 -4.85 5.40 5.44
C PHE B 250 -5.13 5.02 4.01
N ASN B 251 -6.03 4.04 3.87
CA ASN B 251 -6.35 3.61 2.51
CA ASN B 251 -6.40 3.53 2.54
C ASN B 251 -7.41 4.47 1.83
N LEU B 252 -8.16 5.28 2.59
CA LEU B 252 -9.20 6.12 1.99
C LEU B 252 -9.26 7.41 2.83
N TYR B 253 -9.02 8.56 2.20
CA TYR B 253 -9.03 9.84 2.99
C TYR B 253 -9.19 10.98 1.98
N ALA B 254 -9.61 12.15 2.47
CA ALA B 254 -9.67 13.30 1.65
C ALA B 254 -8.36 14.04 1.65
N VAL B 255 -7.97 14.55 0.50
CA VAL B 255 -6.70 15.27 0.37
C VAL B 255 -7.06 16.76 0.50
N PHE B 256 -6.98 17.31 1.72
CA PHE B 256 -7.43 18.69 1.96
C PHE B 256 -6.45 19.72 1.43
N THR B 257 -6.95 20.73 0.75
CA THR B 257 -6.19 21.94 0.50
C THR B 257 -6.27 22.91 1.72
N LYS B 258 -5.45 23.97 1.71
CA LYS B 258 -5.49 24.90 2.87
CA LYS B 258 -5.48 24.92 2.83
C LYS B 258 -6.86 25.54 2.96
N GLU B 259 -7.46 25.91 1.81
CA GLU B 259 -8.75 26.54 1.88
CA GLU B 259 -8.81 26.50 1.76
C GLU B 259 -9.82 25.57 2.43
N GLU B 260 -9.67 24.28 2.14
CA GLU B 260 -10.60 23.27 2.70
C GLU B 260 -10.34 23.08 4.18
N ILE B 261 -9.08 23.19 4.64
CA ILE B 261 -8.90 23.10 6.08
C ILE B 261 -9.60 24.26 6.80
N ALA B 262 -9.43 25.45 6.24
CA ALA B 262 -10.14 26.64 6.85
C ALA B 262 -11.63 26.39 6.93
N HIS B 263 -12.24 25.91 5.80
CA HIS B 263 -13.67 25.74 5.84
C HIS B 263 -14.14 24.62 6.82
N TRP B 264 -13.46 23.48 6.79
CA TRP B 264 -13.94 22.28 7.48
C TRP B 264 -13.63 22.30 8.94
N PHE B 265 -12.66 23.14 9.39
CA PHE B 265 -12.23 23.07 10.78
C PHE B 265 -12.37 24.37 11.55
N LEU B 266 -12.41 25.53 10.91
CA LEU B 266 -12.50 26.70 11.80
C LEU B 266 -13.86 26.75 12.49
N PRO B 267 -13.87 26.97 13.82
CA PRO B 267 -15.10 26.72 14.57
C PRO B 267 -16.29 27.53 14.23
N ILE B 268 -17.43 26.90 14.30
CA ILE B 268 -18.72 27.59 14.19
C ILE B 268 -19.53 26.97 15.28
N GLU B 269 -20.05 27.84 16.15
CA GLU B 269 -20.82 27.40 17.29
CA GLU B 269 -20.77 27.29 17.31
C GLU B 269 -22.04 26.54 16.85
N ASN B 270 -22.27 25.41 17.54
CA ASN B 270 -23.33 24.49 17.29
C ASN B 270 -23.17 23.76 15.95
N VAL B 271 -21.95 23.74 15.36
CA VAL B 271 -21.77 23.13 14.06
C VAL B 271 -20.43 22.38 14.11
N ILE B 272 -19.29 23.09 14.24
CA ILE B 272 -18.00 22.35 14.18
C ILE B 272 -17.13 22.92 15.26
N TYR B 273 -16.46 22.03 16.00
CA TYR B 273 -15.60 22.42 17.11
C TYR B 273 -14.23 21.85 16.78
N THR B 274 -13.23 22.71 16.76
CA THR B 274 -11.83 22.22 16.55
C THR B 274 -10.93 22.91 17.59
N TYR B 275 -10.09 22.10 18.23
CA TYR B 275 -9.15 22.57 19.24
C TYR B 275 -7.80 22.17 18.86
N VAL B 276 -6.82 23.04 19.16
CA VAL B 276 -5.40 22.74 18.83
C VAL B 276 -4.48 22.97 20.01
N ASN B 277 -3.36 22.26 19.94
CA ASN B 277 -2.26 22.48 20.89
C ASN B 277 -1.08 23.04 20.10
N GLU B 278 -0.72 24.27 20.43
CA GLU B 278 0.39 24.98 19.76
C GLU B 278 1.63 24.97 20.68
N GLU B 279 2.73 24.41 20.23
CA GLU B 279 3.93 24.32 21.09
C GLU B 279 5.10 24.82 20.24
N ASN B 280 5.83 25.82 20.77
CA ASN B 280 7.02 26.34 20.08
CA ASN B 280 7.02 26.37 20.07
C ASN B 280 6.62 26.83 18.68
N GLY B 281 5.49 27.51 18.55
CA GLY B 281 4.96 28.00 17.26
C GLY B 281 4.30 26.99 16.24
N LYS B 282 4.24 25.70 16.59
CA LYS B 282 3.79 24.66 15.69
C LYS B 282 2.52 24.07 16.28
N ILE B 283 1.59 23.72 15.39
CA ILE B 283 0.43 22.95 15.84
C ILE B 283 0.81 21.47 15.95
N LYS B 284 0.74 20.93 17.18
CA LYS B 284 1.24 19.61 17.40
C LYS B 284 0.12 18.59 17.72
N ASP B 285 -1.07 19.07 18.05
CA ASP B 285 -2.20 18.14 18.36
C ASP B 285 -3.47 18.87 17.95
N MET B 286 -4.50 18.10 17.55
CA MET B 286 -5.80 18.68 17.24
C MET B 286 -6.89 17.68 17.63
N ILE B 287 -8.02 18.27 18.02
CA ILE B 287 -9.25 17.56 18.30
C ILE B 287 -10.32 18.23 17.47
N SER B 288 -11.26 17.43 16.87
CA SER B 288 -12.42 18.11 16.25
C SER B 288 -13.63 17.15 16.30
N PHE B 289 -14.80 17.78 16.45
CA PHE B 289 -16.10 17.04 16.44
C PHE B 289 -17.16 18.00 15.92
N TYR B 290 -18.18 17.44 15.24
CA TYR B 290 -19.29 18.23 14.75
C TYR B 290 -20.52 17.95 15.58
N SER B 291 -21.48 18.92 15.55
CA SER B 291 -22.73 18.81 16.28
C SER B 291 -23.87 18.25 15.40
N LEU B 292 -24.44 17.10 15.77
CA LEU B 292 -25.55 16.55 15.04
C LEU B 292 -26.55 16.08 16.10
N PRO B 293 -27.51 16.97 16.43
CA PRO B 293 -28.56 16.54 17.35
C PRO B 293 -29.48 15.52 16.74
N SER B 294 -30.11 14.72 17.58
CA SER B 294 -31.30 13.94 17.08
C SER B 294 -32.53 14.46 17.76
N GLN B 295 -33.59 14.54 16.98
CA GLN B 295 -34.93 14.70 17.58
C GLN B 295 -35.33 13.38 18.29
N ILE B 296 -35.89 13.52 19.52
CA ILE B 296 -36.32 12.34 20.26
C ILE B 296 -37.81 12.21 19.97
N LEU B 297 -38.21 11.13 19.34
CA LEU B 297 -39.61 11.05 18.87
C LEU B 297 -40.54 10.66 20.07
N GLY B 298 -41.65 11.38 20.27
CA GLY B 298 -42.65 11.01 21.35
C GLY B 298 -42.08 10.74 22.74
N ASN B 299 -41.22 11.64 23.21
CA ASN B 299 -40.79 11.58 24.61
C ASN B 299 -41.37 12.83 25.12
N ASP B 300 -42.06 12.79 26.26
CA ASP B 300 -42.60 14.07 26.76
C ASP B 300 -41.59 15.09 27.33
N LYS B 301 -40.61 14.58 28.06
CA LYS B 301 -39.71 15.42 28.75
C LYS B 301 -38.69 16.08 27.82
N TYR B 302 -38.13 15.28 26.92
CA TYR B 302 -37.00 15.81 26.13
C TYR B 302 -37.34 15.67 24.65
N SER B 303 -37.00 16.71 23.93
CA SER B 303 -37.26 16.71 22.49
C SER B 303 -35.98 16.53 21.67
N THR B 304 -34.78 16.79 22.27
CA THR B 304 -33.54 16.86 21.52
C THR B 304 -32.41 16.20 22.29
N LEU B 305 -31.70 15.33 21.59
CA LEU B 305 -30.46 14.75 22.08
C LEU B 305 -29.34 15.58 21.46
N ASN B 306 -28.49 16.19 22.25
CA ASN B 306 -27.33 16.91 21.70
C ASN B 306 -26.15 15.97 21.65
N ALA B 307 -25.62 15.74 20.46
CA ALA B 307 -24.61 14.73 20.28
C ALA B 307 -23.44 15.33 19.49
N ALA B 308 -22.25 15.02 19.95
CA ALA B 308 -20.98 15.35 19.27
C ALA B 308 -20.49 14.11 18.52
N TYR B 309 -20.07 14.31 17.28
CA TYR B 309 -19.48 13.23 16.47
C TYR B 309 -18.03 13.48 16.20
N SER B 310 -17.23 12.51 16.60
CA SER B 310 -15.75 12.58 16.40
C SER B 310 -15.45 12.81 14.93
N PHE B 311 -14.59 13.79 14.63
CA PHE B 311 -14.27 14.13 13.24
C PHE B 311 -12.81 13.75 13.00
N TYR B 312 -11.84 14.68 13.19
CA TYR B 312 -10.44 14.28 13.05
C TYR B 312 -9.62 14.66 14.28
N ASN B 313 -8.88 13.70 14.77
CA ASN B 313 -8.11 13.86 16.02
C ASN B 313 -6.72 13.38 15.75
N VAL B 314 -5.68 14.19 16.03
CA VAL B 314 -4.31 13.76 15.79
C VAL B 314 -3.50 14.21 17.00
N THR B 315 -2.61 13.33 17.45
CA THR B 315 -1.72 13.75 18.55
C THR B 315 -0.27 13.37 18.22
N THR B 316 0.61 14.36 18.43
CA THR B 316 2.04 14.03 18.43
C THR B 316 2.70 14.20 19.80
N THR B 317 2.04 14.86 20.74
CA THR B 317 2.69 15.06 22.11
C THR B 317 2.05 14.29 23.26
N ALA B 318 0.97 13.55 22.99
CA ALA B 318 0.25 12.87 24.06
C ALA B 318 -0.10 11.48 23.54
N THR B 319 -0.77 10.72 24.37
CA THR B 319 -1.26 9.42 23.84
C THR B 319 -2.59 9.65 23.14
N PHE B 320 -2.99 8.73 22.26
CA PHE B 320 -4.32 8.88 21.62
C PHE B 320 -5.45 8.77 22.68
N LYS B 321 -5.27 7.90 23.67
CA LYS B 321 -6.22 7.82 24.78
C LYS B 321 -6.38 9.20 25.49
N GLN B 322 -5.26 9.84 25.83
CA GLN B 322 -5.33 11.18 26.45
C GLN B 322 -6.04 12.18 25.54
N LEU B 323 -5.75 12.11 24.24
CA LEU B 323 -6.38 13.04 23.26
C LEU B 323 -7.86 12.83 23.22
N MET B 324 -8.28 11.57 23.10
CA MET B 324 -9.74 11.30 23.02
C MET B 324 -10.48 11.55 24.35
N GLN B 325 -9.76 11.38 25.49
CA GLN B 325 -10.31 11.72 26.78
C GLN B 325 -10.54 13.23 26.79
N ASP B 326 -9.58 14.02 26.32
CA ASP B 326 -9.80 15.50 26.20
C ASP B 326 -10.95 15.86 25.21
N ALA B 327 -11.12 15.06 24.14
CA ALA B 327 -12.21 15.34 23.20
C ALA B 327 -13.56 15.16 23.92
N ILE B 328 -13.66 14.10 24.75
CA ILE B 328 -14.92 13.86 25.50
C ILE B 328 -15.14 15.02 26.45
N LEU B 329 -14.06 15.51 27.09
CA LEU B 329 -14.25 16.58 28.03
C LEU B 329 -14.63 17.85 27.32
N LEU B 330 -14.04 18.13 26.15
CA LEU B 330 -14.41 19.34 25.44
C LEU B 330 -15.87 19.30 24.92
N ALA B 331 -16.33 18.08 24.53
CA ALA B 331 -17.77 17.90 24.18
C ALA B 331 -18.62 18.16 25.41
N LYS B 332 -18.19 17.61 26.55
CA LYS B 332 -18.98 17.85 27.82
C LYS B 332 -19.08 19.36 28.14
N ARG B 333 -17.95 20.05 27.98
CA ARG B 333 -17.86 21.51 28.32
C ARG B 333 -18.78 22.31 27.31
N ASN B 334 -19.06 21.73 26.13
CA ASN B 334 -19.96 22.41 25.16
C ASN B 334 -21.36 21.89 25.18
N ASN B 335 -21.80 21.27 26.29
CA ASN B 335 -23.20 20.96 26.51
C ASN B 335 -23.68 19.78 25.66
N PHE B 336 -22.79 18.90 25.23
CA PHE B 336 -23.26 17.69 24.56
C PHE B 336 -23.63 16.59 25.51
N ASP B 337 -24.60 15.75 25.16
CA ASP B 337 -25.08 14.67 26.04
C ASP B 337 -24.31 13.36 25.80
N VAL B 338 -23.73 13.21 24.63
CA VAL B 338 -23.08 11.95 24.21
C VAL B 338 -22.02 12.37 23.20
N PHE B 339 -21.00 11.50 23.10
CA PHE B 339 -19.91 11.65 22.12
C PHE B 339 -19.84 10.33 21.32
N ASN B 340 -20.06 10.44 20.02
CA ASN B 340 -20.13 9.31 19.13
C ASN B 340 -18.90 9.19 18.28
N ALA B 341 -18.52 7.96 17.93
CA ALA B 341 -17.39 7.74 17.07
C ALA B 341 -17.57 6.49 16.28
N LEU B 342 -16.75 6.27 15.23
CA LEU B 342 -16.69 5.01 14.45
C LEU B 342 -15.37 4.35 14.66
N GLU B 343 -15.34 3.04 14.45
CA GLU B 343 -14.05 2.31 14.54
C GLU B 343 -13.19 2.53 13.28
N VAL B 344 -12.93 3.81 12.94
CA VAL B 344 -12.05 4.18 11.86
C VAL B 344 -10.81 4.78 12.45
N MET B 345 -9.80 4.93 11.60
CA MET B 345 -8.49 5.50 12.05
C MET B 345 -8.00 4.68 13.26
N GLN B 346 -7.56 5.38 14.34
CA GLN B 346 -7.04 4.64 15.52
C GLN B 346 -8.08 4.63 16.63
N ASN B 347 -9.35 4.90 16.30
CA ASN B 347 -10.37 5.06 17.37
C ASN B 347 -10.61 3.82 18.17
N LYS B 348 -10.64 2.65 17.53
CA LYS B 348 -11.01 1.42 18.26
C LYS B 348 -10.11 1.24 19.45
N SER B 349 -8.85 1.65 19.33
CA SER B 349 -7.87 1.42 20.41
C SER B 349 -8.23 2.06 21.73
N VAL B 350 -9.13 3.06 21.74
CA VAL B 350 -9.47 3.77 22.96
C VAL B 350 -10.85 3.47 23.47
N PHE B 351 -11.68 2.72 22.72
CA PHE B 351 -13.07 2.61 23.14
C PHE B 351 -13.27 1.88 24.51
N GLU B 352 -12.51 0.82 24.72
CA GLU B 352 -12.72 0.05 25.93
C GLU B 352 -12.31 0.88 27.16
N ASP B 353 -11.12 1.45 27.14
CA ASP B 353 -10.60 2.13 28.28
C ASP B 353 -11.28 3.46 28.56
N LEU B 354 -11.88 4.09 27.55
CA LEU B 354 -12.61 5.36 27.79
C LEU B 354 -14.11 5.15 27.96
N LYS B 355 -14.53 3.90 28.17
CA LYS B 355 -15.92 3.56 28.59
C LYS B 355 -16.94 3.86 27.47
N PHE B 356 -16.53 3.72 26.20
CA PHE B 356 -17.54 3.70 25.14
C PHE B 356 -18.34 2.38 25.16
N GLY B 357 -19.61 2.50 24.77
CA GLY B 357 -20.42 1.28 24.53
C GLY B 357 -20.63 1.10 23.05
N GLU B 358 -20.66 -0.16 22.62
CA GLU B 358 -20.88 -0.45 21.20
C GLU B 358 -22.32 -0.19 20.83
N GLY B 359 -22.55 0.46 19.67
CA GLY B 359 -23.92 0.78 19.25
C GLY B 359 -24.58 -0.46 18.62
N ASP B 360 -25.72 -0.26 17.98
CA ASP B 360 -26.50 -1.35 17.41
CA ASP B 360 -26.40 -1.44 17.43
C ASP B 360 -26.39 -1.53 15.91
N GLY B 361 -25.45 -0.84 15.29
CA GLY B 361 -25.34 -1.08 13.83
C GLY B 361 -24.00 -0.54 13.37
N SER B 362 -23.90 -0.40 12.05
CA SER B 362 -22.64 0.04 11.43
C SER B 362 -22.92 0.93 10.26
N LEU B 363 -21.86 1.69 9.98
CA LEU B 363 -21.91 2.67 8.86
C LEU B 363 -21.04 2.14 7.75
N LYS B 364 -21.65 2.02 6.55
CA LYS B 364 -20.99 1.44 5.36
C LYS B 364 -20.47 2.59 4.55
N TYR B 365 -19.24 2.45 4.06
CA TYR B 365 -18.63 3.47 3.14
C TYR B 365 -18.68 2.90 1.72
N TYR B 366 -19.03 3.75 0.77
CA TYR B 366 -19.26 3.29 -0.58
C TYR B 366 -18.53 4.23 -1.55
N LEU B 367 -18.11 3.67 -2.67
CA LEU B 367 -17.64 4.45 -3.82
C LEU B 367 -18.49 4.14 -5.03
N TYR B 368 -18.70 5.15 -5.88
CA TYR B 368 -19.44 4.95 -7.13
C TYR B 368 -18.46 5.01 -8.25
N ASN B 369 -18.60 4.04 -9.18
CA ASN B 369 -17.72 3.90 -10.30
C ASN B 369 -16.24 3.74 -9.92
N TRP B 370 -16.03 2.83 -8.95
CA TRP B 370 -14.66 2.54 -8.56
C TRP B 370 -14.57 1.09 -8.12
N LYS B 371 -13.73 0.37 -8.78
CA LYS B 371 -13.31 -1.02 -8.39
CA LYS B 371 -13.49 -0.95 -8.15
C LYS B 371 -11.96 -1.13 -7.49
N CYS B 372 -12.18 -1.75 -6.37
CA CYS B 372 -11.02 -1.89 -5.47
C CYS B 372 -11.36 -2.93 -4.41
N ALA B 373 -10.29 -3.47 -3.80
CA ALA B 373 -10.52 -4.38 -2.67
C ALA B 373 -11.19 -3.64 -1.49
N SER B 374 -12.11 -4.32 -0.83
CA SER B 374 -12.66 -3.80 0.47
C SER B 374 -11.62 -3.94 1.56
N PHE B 375 -11.83 -3.29 2.70
CA PHE B 375 -10.77 -3.34 3.70
C PHE B 375 -11.40 -3.06 5.08
N ALA B 376 -10.64 -3.36 6.11
CA ALA B 376 -11.09 -3.22 7.46
C ALA B 376 -11.21 -1.72 7.82
N PRO B 377 -12.11 -1.37 8.71
CA PRO B 377 -12.31 0.07 8.98
C PRO B 377 -11.15 0.83 9.68
N ALA B 378 -10.21 0.08 10.28
CA ALA B 378 -9.01 0.74 10.78
C ALA B 378 -8.25 1.43 9.64
N HIS B 379 -8.48 1.03 8.40
CA HIS B 379 -7.80 1.68 7.25
C HIS B 379 -8.60 2.82 6.62
N VAL B 380 -9.78 3.08 7.17
CA VAL B 380 -10.60 4.24 6.71
C VAL B 380 -10.02 5.47 7.40
N GLY B 381 -9.76 6.53 6.65
CA GLY B 381 -9.22 7.78 7.22
C GLY B 381 -10.10 8.97 6.76
N ILE B 382 -11.42 8.74 6.68
CA ILE B 382 -12.35 9.82 6.35
C ILE B 382 -13.64 9.68 7.16
N VAL B 383 -14.10 10.85 7.60
CA VAL B 383 -15.34 10.95 8.36
C VAL B 383 -16.28 11.84 7.63
N LEU B 384 -17.40 11.26 7.20
CA LEU B 384 -18.38 12.07 6.44
CA LEU B 384 -18.45 11.98 6.45
C LEU B 384 -19.44 12.65 7.42
N LEU B 385 -20.28 13.52 6.90
CA LEU B 385 -21.21 14.27 7.76
C LEU B 385 -22.52 13.51 7.94
N MET C 1 34.52 -4.32 -7.70
CA MET C 1 34.86 -5.01 -6.39
C MET C 1 34.52 -4.29 -5.06
N ASP C 2 35.04 -3.10 -4.79
CA ASP C 2 34.43 -2.22 -3.76
C ASP C 2 33.93 -1.03 -4.63
N TYR C 3 32.99 -0.26 -4.10
CA TYR C 3 32.41 0.93 -4.84
C TYR C 3 32.34 2.03 -3.79
N LYS C 4 33.51 2.60 -3.49
CA LYS C 4 33.64 3.50 -2.34
C LYS C 4 32.98 4.85 -2.59
N PHE C 5 32.91 5.26 -3.89
CA PHE C 5 32.08 6.46 -4.12
C PHE C 5 30.59 6.14 -4.07
N TRP C 6 30.15 5.12 -4.77
CA TRP C 6 28.73 4.86 -4.85
C TRP C 6 28.14 4.52 -3.47
N TYR C 7 29.02 3.98 -2.57
CA TYR C 7 28.47 3.60 -1.28
CA TYR C 7 28.64 3.63 -1.15
C TYR C 7 28.04 4.83 -0.47
N THR C 8 28.62 6.02 -0.77
CA THR C 8 28.17 7.27 -0.14
C THR C 8 26.89 7.88 -0.73
N GLN C 9 26.37 7.34 -1.84
CA GLN C 9 25.30 7.99 -2.54
C GLN C 9 24.00 7.25 -2.23
N PRO C 10 22.86 7.92 -2.53
CA PRO C 10 21.51 7.30 -2.29
C PRO C 10 21.18 6.39 -3.47
N VAL C 11 21.92 5.28 -3.60
CA VAL C 11 21.63 4.19 -4.55
C VAL C 11 21.71 2.89 -3.76
N PRO C 12 21.25 1.78 -4.37
CA PRO C 12 21.34 0.52 -3.65
C PRO C 12 22.77 0.08 -3.41
N LYS C 13 22.99 -0.58 -2.23
CA LYS C 13 24.21 -1.32 -2.07
C LYS C 13 24.29 -2.51 -3.01
N ILE C 14 25.49 -3.01 -3.26
CA ILE C 14 25.64 -3.97 -4.33
C ILE C 14 24.81 -5.29 -4.09
N ASN C 15 24.53 -5.64 -2.83
CA ASN C 15 23.78 -6.88 -2.64
C ASN C 15 22.34 -6.63 -2.26
N ASP C 16 21.88 -5.39 -2.42
CA ASP C 16 20.49 -5.06 -1.99
C ASP C 16 19.49 -5.65 -2.93
N GLU C 17 18.39 -6.13 -2.34
CA GLU C 17 17.24 -6.57 -3.12
C GLU C 17 16.03 -5.94 -2.44
N PHE C 18 15.09 -5.43 -3.20
CA PHE C 18 13.89 -4.78 -2.60
C PHE C 18 12.67 -5.49 -3.05
N ASN C 19 11.66 -5.50 -2.18
CA ASN C 19 10.42 -6.19 -2.53
C ASN C 19 9.56 -5.36 -3.49
N GLU C 20 8.66 -6.06 -4.20
CA GLU C 20 7.85 -5.44 -5.21
C GLU C 20 7.08 -4.27 -4.66
N SER C 21 6.64 -4.30 -3.38
CA SER C 21 5.80 -3.23 -2.82
C SER C 21 6.67 -1.93 -2.48
N VAL C 22 7.98 -1.98 -2.60
CA VAL C 22 8.85 -0.82 -2.32
C VAL C 22 9.00 0.03 -3.60
N ASN C 23 8.71 1.32 -3.49
CA ASN C 23 8.84 2.23 -4.66
C ASN C 23 8.88 3.64 -4.11
N GLU C 24 10.08 4.08 -3.75
CA GLU C 24 10.17 5.38 -3.02
C GLU C 24 11.60 5.85 -3.07
N PRO C 25 11.83 7.12 -2.78
CA PRO C 25 13.23 7.59 -2.70
C PRO C 25 14.05 6.87 -1.59
N PHE C 26 15.35 6.81 -1.74
CA PHE C 26 16.20 6.58 -0.52
C PHE C 26 16.11 7.73 0.45
N ILE C 27 16.19 9.00 -0.06
CA ILE C 27 16.17 10.16 0.82
C ILE C 27 15.03 11.03 0.33
N SER C 28 14.09 11.42 1.23
CA SER C 28 12.93 12.25 0.92
CA SER C 28 12.97 12.31 0.87
C SER C 28 13.08 13.58 1.65
N ASP C 29 12.12 14.47 1.49
CA ASP C 29 12.16 15.73 2.24
C ASP C 29 13.41 16.61 1.95
N ASN C 30 13.88 16.56 0.72
CA ASN C 30 15.04 17.32 0.31
C ASN C 30 14.61 18.77 0.17
N LYS C 31 15.56 19.66 0.42
CA LYS C 31 15.30 21.10 0.34
C LYS C 31 16.28 21.85 -0.57
N VAL C 32 15.75 22.53 -1.63
CA VAL C 32 16.57 23.38 -2.49
C VAL C 32 17.41 24.35 -1.70
N GLU C 33 16.85 24.91 -0.61
CA GLU C 33 17.55 25.96 0.15
C GLU C 33 18.81 25.38 0.82
N ASP C 34 18.88 24.08 1.07
CA ASP C 34 20.05 23.46 1.75
C ASP C 34 21.12 23.04 0.76
N VAL C 35 20.78 23.03 -0.56
CA VAL C 35 21.75 22.47 -1.54
C VAL C 35 23.05 23.32 -1.54
N ARG C 36 24.20 22.70 -1.70
CA ARG C 36 25.51 23.45 -1.80
C ARG C 36 25.43 24.45 -2.94
N LYS C 37 25.85 25.68 -2.63
CA LYS C 37 25.79 26.70 -3.67
C LYS C 37 27.13 26.83 -4.35
N ASP C 38 28.15 26.13 -3.86
CA ASP C 38 29.51 26.20 -4.43
C ASP C 38 29.78 25.07 -5.36
N GLU C 39 30.41 25.36 -6.48
CA GLU C 39 30.89 24.28 -7.38
C GLU C 39 31.87 23.33 -6.67
N TYR C 40 31.81 22.02 -6.95
CA TYR C 40 32.79 21.13 -6.44
C TYR C 40 34.22 21.41 -6.89
N LYS C 41 35.20 21.04 -6.06
CA LYS C 41 36.58 21.46 -6.37
C LYS C 41 37.21 20.50 -7.35
N LEU C 42 37.97 21.06 -8.30
CA LEU C 42 38.70 20.29 -9.25
C LEU C 42 40.19 20.34 -8.93
N PRO C 43 40.98 19.40 -9.42
CA PRO C 43 42.47 19.44 -9.19
C PRO C 43 43.12 20.67 -9.82
N PRO C 44 44.31 21.05 -9.36
CA PRO C 44 44.95 22.27 -9.88
C PRO C 44 45.10 22.22 -11.37
N GLY C 45 44.71 23.33 -12.01
CA GLY C 45 44.82 23.48 -13.44
C GLY C 45 43.62 23.02 -14.27
N TYR C 46 42.55 22.65 -13.58
CA TYR C 46 41.30 22.27 -14.28
C TYR C 46 40.20 23.20 -13.84
N SER C 47 39.32 23.53 -14.76
CA SER C 47 38.24 24.44 -14.47
CA SER C 47 38.25 24.45 -14.47
C SER C 47 36.89 24.01 -15.06
N TRP C 48 35.80 24.34 -14.33
CA TRP C 48 34.43 24.13 -14.92
C TRP C 48 34.19 25.05 -16.09
N TYR C 49 33.44 24.59 -17.07
CA TYR C 49 33.20 25.37 -18.27
C TYR C 49 31.70 25.25 -18.54
N VAL C 50 31.09 26.37 -18.91
CA VAL C 50 29.70 26.38 -19.32
C VAL C 50 29.65 26.09 -20.84
N CYS C 51 29.27 24.84 -21.16
CA CYS C 51 29.14 24.47 -22.56
C CYS C 51 27.85 25.04 -23.11
N ASP C 52 27.93 25.84 -24.19
CA ASP C 52 26.68 26.26 -24.83
C ASP C 52 26.46 25.41 -26.04
N VAL C 53 25.58 24.40 -25.93
CA VAL C 53 25.50 23.41 -27.02
CA VAL C 53 25.43 23.40 -26.99
C VAL C 53 24.85 24.01 -28.29
N LYS C 54 24.18 25.16 -28.14
CA LYS C 54 23.66 25.82 -29.42
C LYS C 54 24.79 26.62 -30.08
N ASP C 55 25.94 26.80 -29.46
CA ASP C 55 27.08 27.48 -30.09
C ASP C 55 27.90 26.45 -30.90
N GLU C 56 28.07 26.70 -32.20
CA GLU C 56 28.72 25.74 -33.06
CA GLU C 56 28.72 25.75 -33.05
C GLU C 56 30.11 25.36 -32.51
N LYS C 57 30.92 26.35 -32.06
CA LYS C 57 32.26 26.02 -31.58
CA LYS C 57 32.26 26.04 -31.56
C LYS C 57 32.29 25.17 -30.28
N ASP C 58 31.48 25.57 -29.32
CA ASP C 58 31.42 24.75 -28.05
C ASP C 58 30.93 23.36 -28.44
N ARG C 59 29.91 23.28 -29.31
CA ARG C 59 29.38 21.95 -29.69
C ARG C 59 30.46 21.10 -30.35
N SER C 60 31.27 21.69 -31.22
CA SER C 60 32.33 21.00 -31.90
CA SER C 60 32.35 21.00 -31.89
C SER C 60 33.37 20.48 -30.92
N GLU C 61 33.60 21.22 -29.83
CA GLU C 61 34.52 20.80 -28.83
C GLU C 61 34.04 19.59 -28.00
N ILE C 62 32.76 19.61 -27.66
CA ILE C 62 32.16 18.38 -27.04
C ILE C 62 32.29 17.22 -28.05
N TYR C 63 31.98 17.46 -29.31
CA TYR C 63 32.07 16.41 -30.28
C TYR C 63 33.45 15.83 -30.31
N THR C 64 34.47 16.69 -30.38
CA THR C 64 35.82 16.11 -30.50
C THR C 64 36.19 15.30 -29.21
N LEU C 65 35.85 15.85 -28.03
CA LEU C 65 36.13 15.09 -26.79
C LEU C 65 35.51 13.67 -26.87
N LEU C 66 34.23 13.61 -27.24
CA LEU C 66 33.55 12.27 -27.24
C LEU C 66 34.08 11.41 -28.36
N THR C 67 34.40 12.01 -29.54
CA THR C 67 34.85 11.19 -30.63
C THR C 67 36.14 10.49 -30.25
N ASP C 68 36.99 11.21 -29.50
CA ASP C 68 38.31 10.62 -29.14
C ASP C 68 38.27 9.76 -27.84
N ASN C 69 37.31 10.02 -26.97
CA ASN C 69 37.45 9.50 -25.60
C ASN C 69 36.19 8.80 -25.07
N TYR C 70 35.11 8.62 -25.89
CA TYR C 70 33.92 8.03 -25.35
C TYR C 70 33.94 6.50 -25.34
N VAL C 71 32.76 5.87 -25.20
CA VAL C 71 32.61 4.44 -24.90
C VAL C 71 33.15 3.60 -26.05
N GLU C 72 34.00 2.61 -25.71
CA GLU C 72 34.43 1.54 -26.63
C GLU C 72 33.78 0.20 -26.30
N ASP C 73 33.71 -0.68 -27.31
CA ASP C 73 33.17 -2.02 -26.97
C ASP C 73 34.28 -2.75 -26.16
N ASP C 74 33.93 -3.94 -25.65
CA ASP C 74 34.82 -4.63 -24.73
C ASP C 74 36.11 -5.03 -25.36
N ASP C 75 36.14 -5.29 -26.68
CA ASP C 75 37.41 -5.58 -27.37
C ASP C 75 38.14 -4.41 -28.02
N ASN C 76 37.67 -3.17 -27.76
CA ASN C 76 38.34 -2.00 -28.28
C ASN C 76 38.51 -1.94 -29.78
N ILE C 77 37.45 -2.40 -30.43
CA ILE C 77 37.23 -2.47 -31.88
CA ILE C 77 37.36 -2.39 -31.88
C ILE C 77 36.54 -1.19 -32.39
N PHE C 78 35.61 -0.67 -31.57
CA PHE C 78 34.74 0.44 -32.04
C PHE C 78 34.68 1.45 -30.88
N ARG C 79 34.41 2.68 -31.27
CA ARG C 79 34.14 3.73 -30.29
C ARG C 79 32.84 4.46 -30.72
N PHE C 80 31.86 4.70 -29.85
CA PHE C 80 30.68 5.47 -30.31
C PHE C 80 31.13 6.82 -30.82
N ASN C 81 30.46 7.30 -31.89
CA ASN C 81 30.85 8.56 -32.53
C ASN C 81 29.57 9.36 -32.77
N TYR C 82 28.92 9.78 -31.67
CA TYR C 82 27.75 10.69 -31.81
C TYR C 82 28.07 11.94 -32.60
N SER C 83 27.20 12.28 -33.57
CA SER C 83 27.53 13.44 -34.39
C SER C 83 27.25 14.75 -33.64
N ALA C 84 27.87 15.84 -34.11
CA ALA C 84 27.56 17.14 -33.52
C ALA C 84 26.09 17.45 -33.62
N GLU C 85 25.43 17.12 -34.74
CA GLU C 85 23.98 17.40 -34.86
CA GLU C 85 24.00 17.36 -34.85
C GLU C 85 23.15 16.50 -33.91
N PHE C 86 23.58 15.24 -33.71
CA PHE C 86 22.89 14.40 -32.74
C PHE C 86 23.02 15.03 -31.33
N LEU C 87 24.21 15.52 -30.94
CA LEU C 87 24.34 16.15 -29.62
C LEU C 87 23.47 17.38 -29.42
N LEU C 88 23.34 18.16 -30.46
CA LEU C 88 22.38 19.29 -30.40
C LEU C 88 20.95 18.84 -30.05
N TRP C 89 20.48 17.81 -30.79
CA TRP C 89 19.14 17.25 -30.58
C TRP C 89 19.02 16.64 -29.18
N ALA C 90 20.02 15.86 -28.77
CA ALA C 90 19.87 15.11 -27.52
C ALA C 90 19.86 16.02 -26.30
N LEU C 91 20.47 17.22 -26.43
CA LEU C 91 20.67 18.07 -25.25
C LEU C 91 19.74 19.31 -25.19
N THR C 92 18.93 19.59 -26.25
CA THR C 92 18.12 20.82 -26.21
C THR C 92 16.67 20.42 -26.34
N SER C 93 16.26 19.35 -25.64
CA SER C 93 14.88 18.96 -25.58
C SER C 93 14.04 19.97 -24.73
N PRO C 94 12.70 19.84 -24.71
CA PRO C 94 11.89 20.91 -24.11
C PRO C 94 12.24 21.14 -22.65
N ASN C 95 12.36 22.44 -22.33
CA ASN C 95 12.67 22.88 -20.94
C ASN C 95 14.06 22.46 -20.45
N TYR C 96 14.97 22.18 -21.38
CA TYR C 96 16.33 21.84 -21.01
C TYR C 96 16.96 22.98 -20.19
N LEU C 97 17.87 22.60 -19.33
CA LEU C 97 18.65 23.62 -18.53
C LEU C 97 20.06 23.74 -19.06
N LYS C 98 20.47 24.96 -19.41
CA LYS C 98 21.85 25.19 -19.80
CA LYS C 98 21.84 25.20 -19.81
C LYS C 98 22.93 24.85 -18.74
N THR C 99 22.53 24.93 -17.47
CA THR C 99 23.40 24.62 -16.30
C THR C 99 23.76 23.15 -16.25
N TRP C 100 22.98 22.32 -16.98
CA TRP C 100 23.21 20.86 -16.91
C TRP C 100 24.04 20.36 -18.09
N HIS C 101 24.72 21.24 -18.82
CA HIS C 101 25.65 20.84 -19.89
C HIS C 101 27.02 21.28 -19.42
N ILE C 102 27.75 20.34 -18.83
CA ILE C 102 28.89 20.74 -17.94
C ILE C 102 30.20 20.23 -18.55
N GLY C 103 31.13 21.18 -18.89
CA GLY C 103 32.45 20.77 -19.31
C GLY C 103 33.49 21.01 -18.21
N VAL C 104 34.61 20.33 -18.40
CA VAL C 104 35.85 20.62 -17.59
C VAL C 104 37.00 20.85 -18.58
N LYS C 105 37.58 22.08 -18.47
CA LYS C 105 38.74 22.39 -19.28
C LYS C 105 40.05 22.22 -18.53
N TYR C 106 41.09 21.88 -19.27
CA TYR C 106 42.46 21.98 -18.81
CA TYR C 106 42.43 22.03 -18.73
C TYR C 106 42.96 23.36 -19.07
N ASP C 107 43.30 24.14 -18.05
CA ASP C 107 43.71 25.51 -18.26
C ASP C 107 44.96 25.61 -19.14
N ALA C 108 45.83 24.59 -19.18
CA ALA C 108 47.07 24.70 -19.97
C ALA C 108 46.76 24.73 -21.43
N SER C 109 45.63 24.14 -21.82
CA SER C 109 45.28 24.06 -23.27
C SER C 109 44.02 24.71 -23.69
N ASN C 110 43.24 25.13 -22.74
CA ASN C 110 41.91 25.69 -22.98
C ASN C 110 41.00 24.69 -23.75
N LYS C 111 41.26 23.38 -23.59
CA LYS C 111 40.49 22.32 -24.29
C LYS C 111 39.74 21.50 -23.24
N LEU C 112 38.58 20.98 -23.66
CA LEU C 112 37.80 20.10 -22.77
CA LEU C 112 37.82 20.11 -22.76
C LEU C 112 38.57 18.80 -22.52
N ILE C 113 38.59 18.35 -21.26
CA ILE C 113 39.03 17.07 -20.88
C ILE C 113 37.90 16.28 -20.19
N GLY C 114 36.75 16.90 -19.93
CA GLY C 114 35.66 16.14 -19.24
C GLY C 114 34.34 16.77 -19.63
N PHE C 115 33.28 15.94 -19.59
CA PHE C 115 31.94 16.44 -19.85
C PHE C 115 30.90 15.53 -19.12
N ILE C 116 29.77 16.12 -18.74
CA ILE C 116 28.63 15.33 -18.31
C ILE C 116 27.43 16.17 -18.62
N SER C 117 26.29 15.49 -18.85
CA SER C 117 25.08 16.25 -19.19
C SER C 117 23.82 15.57 -18.68
N ALA C 118 22.74 16.33 -18.65
CA ALA C 118 21.43 15.74 -18.37
C ALA C 118 20.38 16.68 -18.99
N ILE C 119 19.18 16.10 -19.20
CA ILE C 119 17.99 16.85 -19.57
C ILE C 119 16.85 16.36 -18.67
N PRO C 120 15.85 17.20 -18.49
CA PRO C 120 14.70 16.83 -17.59
C PRO C 120 13.58 16.11 -18.29
N THR C 121 13.01 15.13 -17.63
CA THR C 121 11.93 14.31 -18.23
CA THR C 121 11.77 14.59 -18.17
C THR C 121 11.04 13.85 -17.06
N ASP C 122 9.76 13.63 -17.28
CA ASP C 122 8.96 12.92 -16.29
C ASP C 122 9.08 11.40 -16.56
N ILE C 123 9.41 10.65 -15.49
CA ILE C 123 9.61 9.21 -15.59
C ILE C 123 8.60 8.49 -14.74
N CYS C 124 7.88 7.51 -15.28
CA CYS C 124 6.93 6.68 -14.51
C CYS C 124 7.66 5.42 -14.14
N ILE C 125 7.85 5.19 -12.82
CA ILE C 125 8.48 3.99 -12.29
C ILE C 125 7.49 3.28 -11.41
N HIS C 126 7.17 2.03 -11.79
CA HIS C 126 6.20 1.23 -11.04
CA HIS C 126 6.19 1.22 -11.05
C HIS C 126 4.94 2.06 -10.69
N LYS C 127 4.37 2.77 -11.69
CA LYS C 127 3.17 3.62 -11.55
C LYS C 127 3.25 4.91 -10.70
N ARG C 128 4.46 5.34 -10.36
CA ARG C 128 4.59 6.66 -9.80
C ARG C 128 5.34 7.50 -10.85
N THR C 129 4.85 8.72 -11.09
CA THR C 129 5.54 9.59 -12.04
C THR C 129 6.33 10.63 -11.28
N ILE C 130 7.61 10.71 -11.60
CA ILE C 130 8.60 11.54 -10.82
C ILE C 130 9.34 12.37 -11.85
N LYS C 131 9.62 13.65 -11.55
CA LYS C 131 10.48 14.47 -12.44
CA LYS C 131 10.47 14.47 -12.43
C LYS C 131 11.92 14.03 -12.23
N MET C 132 12.63 13.67 -13.28
CA MET C 132 13.97 13.11 -13.16
C MET C 132 14.90 13.83 -14.15
N ALA C 133 16.18 13.70 -13.88
CA ALA C 133 17.20 14.08 -14.84
C ALA C 133 17.63 12.84 -15.58
N GLU C 134 17.74 12.91 -16.91
CA GLU C 134 18.31 11.80 -17.63
CA GLU C 134 18.34 11.81 -17.70
C GLU C 134 19.77 12.17 -17.99
N VAL C 135 20.70 11.42 -17.41
CA VAL C 135 22.13 11.74 -17.42
C VAL C 135 22.78 10.97 -18.52
N ASN C 136 23.64 11.65 -19.30
CA ASN C 136 24.32 10.93 -20.39
C ASN C 136 25.60 11.69 -20.75
N PHE C 137 26.47 11.01 -21.54
CA PHE C 137 27.71 11.59 -22.12
C PHE C 137 28.71 11.93 -21.07
N LEU C 138 28.73 11.25 -19.93
CA LEU C 138 29.85 11.39 -19.00
C LEU C 138 31.11 10.88 -19.70
N CYS C 139 32.18 11.71 -19.64
CA CYS C 139 33.43 11.33 -20.37
C CYS C 139 34.56 12.08 -19.72
N VAL C 140 35.64 11.35 -19.48
CA VAL C 140 36.90 11.91 -19.05
C VAL C 140 37.93 11.51 -20.04
N HIS C 141 38.81 12.46 -20.37
CA HIS C 141 39.88 12.19 -21.35
C HIS C 141 40.70 10.95 -21.03
N LYS C 142 41.05 10.15 -22.08
CA LYS C 142 41.81 8.92 -21.84
C LYS C 142 43.14 9.12 -21.05
N THR C 143 43.72 10.31 -21.13
CA THR C 143 45.00 10.51 -20.40
C THR C 143 44.78 10.81 -18.92
N LEU C 144 43.50 10.95 -18.48
CA LEU C 144 43.18 11.39 -17.12
C LEU C 144 42.34 10.35 -16.42
N ARG C 145 42.40 9.09 -16.87
CA ARG C 145 41.58 8.03 -16.27
C ARG C 145 42.07 7.56 -14.89
N SER C 146 41.14 7.10 -14.07
CA SER C 146 41.44 6.53 -12.76
C SER C 146 42.01 7.57 -11.79
N LYS C 147 41.60 8.84 -11.93
CA LYS C 147 42.08 9.90 -11.04
C LYS C 147 40.92 10.43 -10.22
N ARG C 148 39.80 9.69 -10.18
CA ARG C 148 38.59 10.04 -9.39
C ARG C 148 38.02 11.37 -9.86
N LEU C 149 38.12 11.65 -11.19
CA LEU C 149 37.44 12.83 -11.68
C LEU C 149 35.96 12.55 -11.91
N ALA C 150 35.60 11.28 -12.30
CA ALA C 150 34.19 11.06 -12.57
C ALA C 150 33.24 11.33 -11.38
N PRO C 151 33.60 10.94 -10.15
CA PRO C 151 32.73 11.36 -9.05
C PRO C 151 32.60 12.84 -8.88
N VAL C 152 33.61 13.66 -9.24
CA VAL C 152 33.46 15.12 -9.19
C VAL C 152 32.39 15.62 -10.21
N LEU C 153 32.47 15.06 -11.43
CA LEU C 153 31.46 15.40 -12.45
CA LEU C 153 31.47 15.42 -12.44
C LEU C 153 30.07 14.98 -11.97
N ILE C 154 29.96 13.75 -11.41
CA ILE C 154 28.65 13.26 -10.98
C ILE C 154 28.11 14.13 -9.81
N LYS C 155 28.98 14.45 -8.84
CA LYS C 155 28.50 15.26 -7.75
C LYS C 155 28.10 16.66 -8.19
N GLU C 156 28.90 17.23 -9.10
CA GLU C 156 28.55 18.57 -9.55
C GLU C 156 27.22 18.61 -10.35
N ILE C 157 26.98 17.65 -11.24
CA ILE C 157 25.67 17.66 -11.96
C ILE C 157 24.52 17.39 -10.99
N THR C 158 24.77 16.57 -9.93
CA THR C 158 23.74 16.30 -8.93
C THR C 158 23.34 17.61 -8.26
N ARG C 159 24.33 18.39 -7.86
CA ARG C 159 24.09 19.65 -7.18
C ARG C 159 23.25 20.54 -8.08
N ARG C 160 23.65 20.69 -9.35
CA ARG C 160 22.89 21.55 -10.27
C ARG C 160 21.46 21.08 -10.62
N ILE C 161 21.30 19.76 -10.60
CA ILE C 161 19.96 19.18 -10.73
C ILE C 161 19.08 19.43 -9.47
N ASN C 162 19.69 19.27 -8.31
CA ASN C 162 19.02 19.58 -7.07
C ASN C 162 18.54 21.03 -6.95
N LEU C 163 19.31 21.97 -7.60
CA LEU C 163 18.87 23.35 -7.59
C LEU C 163 17.59 23.61 -8.42
N GLU C 164 17.15 22.60 -9.17
CA GLU C 164 15.90 22.64 -9.90
C GLU C 164 14.81 21.85 -9.13
N ASN C 165 15.04 21.52 -7.84
CA ASN C 165 14.11 20.74 -7.08
C ASN C 165 13.85 19.35 -7.67
N ILE C 166 14.92 18.78 -8.27
CA ILE C 166 14.84 17.46 -8.88
C ILE C 166 15.82 16.58 -8.12
N TRP C 167 15.40 15.37 -7.67
CA TRP C 167 16.16 14.64 -6.71
C TRP C 167 16.27 13.15 -7.12
N GLN C 168 15.86 12.86 -8.35
CA GLN C 168 16.04 11.50 -8.93
C GLN C 168 16.62 11.64 -10.33
N ALA C 169 17.31 10.60 -10.80
CA ALA C 169 17.81 10.53 -12.17
C ALA C 169 17.73 9.12 -12.72
N ILE C 170 17.82 9.07 -14.06
CA ILE C 170 17.93 7.77 -14.73
C ILE C 170 19.16 7.80 -15.59
N TYR C 171 19.83 6.67 -15.72
CA TYR C 171 21.06 6.60 -16.53
C TYR C 171 21.29 5.14 -16.96
N THR C 172 22.06 4.93 -17.99
CA THR C 172 22.40 3.56 -18.40
C THR C 172 23.89 3.39 -18.42
N ALA C 173 24.38 2.18 -18.37
CA ALA C 173 25.81 1.95 -18.60
C ALA C 173 25.96 0.50 -19.03
N GLY C 174 27.01 0.19 -19.77
CA GLY C 174 27.37 -1.19 -20.06
C GLY C 174 28.11 -1.82 -18.88
N VAL C 175 28.72 -1.01 -18.01
CA VAL C 175 29.40 -1.53 -16.79
CA VAL C 175 29.38 -1.59 -16.81
C VAL C 175 28.38 -1.86 -15.69
N TYR C 176 28.73 -2.83 -14.83
CA TYR C 176 27.94 -3.25 -13.71
C TYR C 176 28.32 -2.37 -12.50
N LEU C 177 27.38 -1.59 -12.03
CA LEU C 177 27.52 -0.64 -10.90
C LEU C 177 26.37 -0.90 -9.91
N PRO C 178 26.45 -0.39 -8.67
CA PRO C 178 25.35 -0.55 -7.75
C PRO C 178 24.19 0.39 -8.11
N LYS C 179 22.95 -0.13 -8.44
CA LYS C 179 22.69 -1.58 -8.74
C LYS C 179 21.60 -1.45 -9.84
N PRO C 180 21.67 -2.26 -10.89
CA PRO C 180 20.65 -2.06 -12.01
C PRO C 180 19.25 -2.28 -11.52
N VAL C 181 18.31 -1.46 -12.00
CA VAL C 181 16.89 -1.83 -11.88
CA VAL C 181 16.91 -1.76 -11.89
C VAL C 181 16.48 -2.75 -12.97
N SER C 182 17.22 -2.81 -14.08
CA SER C 182 16.99 -3.82 -15.14
C SER C 182 18.25 -3.98 -15.98
N ASP C 183 18.41 -5.11 -16.61
CA ASP C 183 19.56 -5.43 -17.49
C ASP C 183 19.01 -5.89 -18.81
N ALA C 184 19.43 -5.29 -19.89
CA ALA C 184 18.91 -5.69 -21.20
C ALA C 184 20.06 -6.05 -22.13
N ARG C 185 20.14 -7.29 -22.58
CA ARG C 185 21.10 -7.73 -23.61
C ARG C 185 20.80 -6.96 -24.92
N TYR C 186 21.84 -6.67 -25.69
CA TYR C 186 21.65 -6.07 -27.04
C TYR C 186 21.87 -7.11 -28.12
N TYR C 187 21.20 -6.81 -29.22
CA TYR C 187 21.13 -7.72 -30.38
C TYR C 187 21.23 -6.85 -31.63
N HIS C 188 21.64 -7.44 -32.73
CA HIS C 188 21.85 -6.66 -33.95
C HIS C 188 21.39 -7.44 -35.16
N ARG C 189 20.88 -6.72 -36.16
CA ARG C 189 20.49 -7.30 -37.44
CA ARG C 189 20.50 -7.30 -37.46
C ARG C 189 21.45 -6.71 -38.48
N SER C 190 22.31 -7.61 -39.01
CA SER C 190 23.29 -7.16 -39.99
C SER C 190 22.58 -6.82 -41.32
N ILE C 191 22.96 -5.65 -41.86
CA ILE C 191 22.40 -5.23 -43.18
C ILE C 191 23.49 -5.27 -44.26
N ASN C 192 24.58 -4.53 -44.04
CA ASN C 192 25.71 -4.58 -44.97
C ASN C 192 26.67 -5.67 -44.49
N VAL C 193 26.32 -6.94 -44.75
CA VAL C 193 26.96 -8.10 -44.22
C VAL C 193 28.44 -8.16 -44.56
N LYS C 194 28.81 -7.91 -45.79
CA LYS C 194 30.22 -7.95 -46.26
CA LYS C 194 30.22 -8.03 -46.19
C LYS C 194 31.05 -7.13 -45.23
N LYS C 195 30.67 -5.85 -45.13
CA LYS C 195 31.41 -4.87 -44.25
C LYS C 195 31.51 -5.39 -42.82
N LEU C 196 30.41 -5.87 -42.26
CA LEU C 196 30.35 -6.29 -40.85
C LEU C 196 31.29 -7.49 -40.53
N ILE C 197 31.38 -8.40 -41.51
CA ILE C 197 32.29 -9.56 -41.42
C ILE C 197 33.72 -9.03 -41.41
N GLU C 198 34.07 -8.13 -42.35
CA GLU C 198 35.45 -7.61 -42.46
C GLU C 198 35.96 -6.92 -41.21
N ILE C 199 35.09 -6.21 -40.50
CA ILE C 199 35.56 -5.42 -39.37
C ILE C 199 35.42 -6.17 -38.07
N GLY C 200 34.92 -7.40 -38.10
CA GLY C 200 34.72 -8.18 -36.89
C GLY C 200 33.58 -7.77 -35.99
N PHE C 201 32.53 -7.14 -36.56
CA PHE C 201 31.28 -6.91 -35.87
C PHE C 201 30.47 -8.22 -35.89
N LYS C 215 20.58 -16.10 -46.39
CA LYS C 215 20.89 -14.75 -46.68
C LYS C 215 20.49 -13.99 -45.43
N LEU C 216 21.52 -13.48 -44.78
CA LEU C 216 21.34 -12.24 -44.07
C LEU C 216 21.36 -11.18 -45.16
N TYR C 217 21.96 -11.48 -46.34
CA TYR C 217 22.12 -10.43 -47.37
C TYR C 217 20.77 -10.09 -48.00
N ARG C 218 19.84 -11.05 -48.06
CA ARG C 218 18.58 -10.85 -48.77
C ARG C 218 17.46 -10.24 -47.93
N VAL C 219 17.12 -9.00 -48.26
CA VAL C 219 15.95 -8.33 -47.67
C VAL C 219 15.04 -7.87 -48.83
N GLU C 220 13.77 -8.23 -48.76
CA GLU C 220 12.83 -7.81 -49.83
C GLU C 220 12.60 -6.33 -49.65
N ASP C 221 12.81 -5.54 -50.74
CA ASP C 221 12.65 -4.11 -50.64
C ASP C 221 11.17 -3.71 -50.74
N THR C 222 10.29 -4.39 -50.04
CA THR C 222 8.88 -4.00 -50.02
C THR C 222 8.34 -4.05 -48.60
N LEU C 223 7.67 -2.96 -48.20
CA LEU C 223 7.17 -2.83 -46.82
C LEU C 223 5.96 -3.72 -46.61
N ASN C 224 5.84 -4.29 -45.44
CA ASN C 224 4.61 -5.02 -45.06
C ASN C 224 3.43 -4.07 -44.85
N ILE C 225 3.78 -2.87 -44.40
CA ILE C 225 2.77 -1.83 -44.12
C ILE C 225 3.05 -0.77 -45.19
N LYS C 226 2.32 -0.86 -46.30
CA LYS C 226 2.64 -0.09 -47.55
C LYS C 226 2.75 1.37 -47.35
N ASN C 227 1.92 1.93 -46.48
CA ASN C 227 1.84 3.40 -46.41
C ASN C 227 2.73 4.02 -45.32
N MET C 228 3.58 3.18 -44.70
CA MET C 228 4.55 3.69 -43.71
CA MET C 228 4.60 3.74 -43.71
C MET C 228 5.35 4.87 -44.35
N ARG C 229 5.40 6.06 -43.71
CA ARG C 229 5.95 7.22 -44.34
C ARG C 229 6.60 8.11 -43.28
N LEU C 230 7.53 8.90 -43.69
CA LEU C 230 8.19 9.81 -42.71
C LEU C 230 7.12 10.70 -41.97
N MET C 231 7.32 10.80 -40.65
CA MET C 231 6.46 11.60 -39.79
C MET C 231 6.59 13.07 -40.20
N LYS C 232 5.41 13.73 -40.17
CA LYS C 232 5.38 15.19 -40.37
C LYS C 232 4.81 15.90 -39.17
N LYS C 233 4.90 17.23 -39.14
CA LYS C 233 4.37 17.98 -38.01
CA LYS C 233 4.36 17.97 -38.01
C LYS C 233 2.89 17.70 -37.67
N LYS C 234 2.04 17.50 -38.71
CA LYS C 234 0.62 17.20 -38.56
CA LYS C 234 0.62 17.27 -38.46
C LYS C 234 0.37 15.94 -37.77
N ASP C 235 1.38 15.09 -37.65
CA ASP C 235 1.25 13.81 -37.02
C ASP C 235 1.57 13.80 -35.52
N VAL C 236 2.05 14.92 -35.01
CA VAL C 236 2.43 14.93 -33.61
C VAL C 236 1.32 14.45 -32.68
N GLU C 237 0.11 14.99 -32.78
CA GLU C 237 -0.97 14.60 -31.91
CA GLU C 237 -0.88 14.59 -31.82
C GLU C 237 -1.25 13.08 -31.94
N GLY C 238 -1.26 12.53 -33.15
CA GLY C 238 -1.54 11.15 -33.26
C GLY C 238 -0.43 10.25 -32.73
N VAL C 239 0.83 10.60 -32.97
CA VAL C 239 1.97 9.84 -32.35
C VAL C 239 1.92 9.96 -30.84
N HIS C 240 1.60 11.16 -30.32
CA HIS C 240 1.51 11.29 -28.86
C HIS C 240 0.44 10.40 -28.30
N LYS C 241 -0.72 10.27 -28.96
CA LYS C 241 -1.77 9.40 -28.46
CA LYS C 241 -1.75 9.42 -28.47
C LYS C 241 -1.37 7.92 -28.54
N LEU C 242 -0.85 7.51 -29.70
CA LEU C 242 -0.40 6.08 -29.97
C LEU C 242 0.66 5.66 -28.97
N LEU C 243 1.72 6.46 -28.89
CA LEU C 243 2.88 6.03 -28.07
C LEU C 243 2.48 6.20 -26.61
N GLY C 244 1.81 7.29 -26.27
CA GLY C 244 1.59 7.52 -24.81
C GLY C 244 0.66 6.42 -24.24
N SER C 245 -0.33 5.92 -25.04
CA SER C 245 -1.19 4.80 -24.64
CA SER C 245 -1.17 4.83 -24.61
C SER C 245 -0.38 3.49 -24.56
N TYR C 246 0.44 3.22 -25.51
CA TYR C 246 1.27 2.03 -25.54
C TYR C 246 2.22 1.93 -24.29
N LEU C 247 2.85 3.03 -23.93
CA LEU C 247 3.89 2.95 -22.89
C LEU C 247 3.33 2.62 -21.51
N GLU C 248 2.04 2.94 -21.28
CA GLU C 248 1.48 2.77 -19.94
C GLU C 248 1.60 1.35 -19.42
N GLN C 249 1.78 0.34 -20.29
CA GLN C 249 1.84 -1.01 -19.80
C GLN C 249 3.18 -1.35 -19.10
N PHE C 250 4.21 -0.50 -19.23
CA PHE C 250 5.57 -0.87 -18.76
C PHE C 250 5.82 -0.37 -17.34
N ASN C 251 6.84 -0.98 -16.74
CA ASN C 251 7.23 -0.60 -15.36
CA ASN C 251 7.30 -0.63 -15.37
C ASN C 251 8.10 0.66 -15.32
N LEU C 252 8.68 1.06 -16.47
CA LEU C 252 9.59 2.25 -16.48
C LEU C 252 9.47 2.85 -17.86
N TYR C 253 9.03 4.12 -17.87
CA TYR C 253 8.88 4.78 -19.21
C TYR C 253 8.82 6.28 -19.00
N ALA C 254 9.12 7.02 -20.06
CA ALA C 254 9.00 8.47 -20.00
C ALA C 254 7.54 8.86 -20.26
N VAL C 255 7.07 9.91 -19.58
CA VAL C 255 5.67 10.35 -19.77
C VAL C 255 5.76 11.56 -20.71
N PHE C 256 5.64 11.31 -22.01
CA PHE C 256 5.89 12.38 -23.02
C PHE C 256 4.76 13.42 -23.08
N THR C 257 5.11 14.69 -23.12
CA THR C 257 4.14 15.74 -23.48
C THR C 257 4.14 15.88 -24.99
N LYS C 258 3.17 16.63 -25.53
CA LYS C 258 3.12 16.81 -26.99
CA LYS C 258 3.10 16.85 -26.97
C LYS C 258 4.39 17.50 -27.48
N GLU C 259 4.91 18.47 -26.74
CA GLU C 259 6.08 19.18 -27.25
CA GLU C 259 6.13 19.23 -27.14
C GLU C 259 7.30 18.22 -27.22
N GLU C 260 7.30 17.30 -26.25
CA GLU C 260 8.36 16.31 -26.23
C GLU C 260 8.22 15.33 -27.39
N ILE C 261 7.00 14.95 -27.75
CA ILE C 261 6.84 14.09 -28.95
C ILE C 261 7.41 14.81 -30.19
N ALA C 262 7.10 16.10 -30.36
CA ALA C 262 7.59 16.79 -31.54
C ALA C 262 9.16 16.80 -31.54
N HIS C 263 9.76 17.11 -30.37
CA HIS C 263 11.18 17.20 -30.34
C HIS C 263 11.83 15.81 -30.62
N TRP C 264 11.33 14.79 -29.92
CA TRP C 264 12.02 13.47 -29.93
C TRP C 264 11.76 12.64 -31.20
N PHE C 265 10.71 12.96 -31.96
CA PHE C 265 10.35 12.11 -33.10
C PHE C 265 10.38 12.78 -34.45
N LEU C 266 10.21 14.11 -34.52
CA LEU C 266 10.12 14.68 -35.88
C LEU C 266 11.47 14.46 -36.55
N PRO C 267 11.48 13.98 -37.81
CA PRO C 267 12.73 13.49 -38.36
C PRO C 267 13.78 14.55 -38.57
N ILE C 268 14.99 14.12 -38.30
CA ILE C 268 16.20 14.93 -38.60
C ILE C 268 17.18 14.00 -39.29
N GLU C 269 17.57 14.27 -40.55
CA GLU C 269 18.44 13.34 -41.27
CA GLU C 269 18.45 13.34 -41.28
C GLU C 269 19.72 13.06 -40.51
N ASN C 270 20.12 11.78 -40.47
CA ASN C 270 21.32 11.34 -39.78
C ASN C 270 21.25 11.57 -38.26
N VAL C 271 20.02 11.71 -37.74
CA VAL C 271 19.87 11.81 -36.29
C VAL C 271 18.72 10.90 -35.86
N ILE C 272 17.49 11.26 -36.28
CA ILE C 272 16.32 10.54 -35.80
C ILE C 272 15.39 10.35 -36.97
N TYR C 273 14.85 9.12 -37.05
CA TYR C 273 13.94 8.73 -38.17
C TYR C 273 12.70 8.19 -37.56
N THR C 274 11.58 8.70 -38.01
CA THR C 274 10.31 8.18 -37.45
C THR C 274 9.35 8.08 -38.66
N TYR C 275 8.71 6.91 -38.73
CA TYR C 275 7.72 6.67 -39.79
CA TYR C 275 7.74 6.57 -39.79
C TYR C 275 6.41 6.32 -39.13
N VAL C 276 5.31 6.71 -39.78
CA VAL C 276 3.96 6.47 -39.32
C VAL C 276 3.12 5.84 -40.40
N ASN C 277 2.09 5.12 -39.98
CA ASN C 277 1.04 4.62 -40.87
C ASN C 277 -0.25 5.29 -40.46
N GLU C 278 -0.81 6.11 -41.35
CA GLU C 278 -2.06 6.89 -40.99
C GLU C 278 -3.18 6.22 -41.77
N GLU C 279 -4.21 5.82 -41.05
CA GLU C 279 -5.33 5.12 -41.71
C GLU C 279 -6.57 5.83 -41.25
N ASN C 280 -7.37 6.39 -42.18
CA ASN C 280 -8.52 7.21 -41.76
C ASN C 280 -8.32 8.30 -40.78
N GLY C 281 -7.41 9.23 -41.03
CA GLY C 281 -7.10 10.30 -40.11
C GLY C 281 -6.47 9.87 -38.78
N LYS C 282 -6.25 8.57 -38.57
CA LYS C 282 -5.60 8.14 -37.30
C LYS C 282 -4.19 7.57 -37.54
N ILE C 283 -3.27 7.95 -36.66
CA ILE C 283 -1.93 7.27 -36.66
C ILE C 283 -2.03 5.93 -35.96
N LYS C 284 -1.88 4.82 -36.67
CA LYS C 284 -2.11 3.47 -36.17
C LYS C 284 -0.85 2.63 -35.92
N ASP C 285 0.28 3.04 -36.48
CA ASP C 285 1.51 2.28 -36.37
C ASP C 285 2.64 3.30 -36.46
N MET C 286 3.76 3.03 -35.77
CA MET C 286 4.92 3.95 -35.85
C MET C 286 6.19 3.11 -35.73
N ILE C 287 7.25 3.56 -36.43
CA ILE C 287 8.58 2.94 -36.38
C ILE C 287 9.56 4.09 -36.07
N SER C 288 10.54 3.93 -35.16
CA SER C 288 11.53 5.01 -35.08
C SER C 288 12.88 4.39 -34.68
N PHE C 289 13.93 5.07 -35.11
CA PHE C 289 15.32 4.65 -34.84
C PHE C 289 16.22 5.85 -34.99
N TYR C 290 17.25 5.86 -34.10
CA TYR C 290 18.23 6.96 -34.16
C TYR C 290 19.51 6.50 -34.76
N SER C 291 20.25 7.51 -35.25
CA SER C 291 21.57 7.24 -35.90
C SER C 291 22.74 7.45 -34.96
N LEU C 292 23.54 6.42 -34.74
CA LEU C 292 24.70 6.49 -33.83
C LEU C 292 25.86 5.68 -34.50
N PRO C 293 26.68 6.35 -35.33
CA PRO C 293 27.84 5.70 -35.93
C PRO C 293 28.83 5.29 -34.85
N SER C 294 29.67 4.28 -35.14
CA SER C 294 30.90 4.08 -34.37
C SER C 294 32.13 4.23 -35.23
N GLN C 295 33.14 4.90 -34.71
CA GLN C 295 34.46 4.85 -35.34
C GLN C 295 35.04 3.43 -35.25
N ILE C 296 35.56 2.92 -36.39
CA ILE C 296 36.20 1.62 -36.42
C ILE C 296 37.73 1.84 -36.20
N LEU C 297 38.20 1.33 -35.07
CA LEU C 297 39.48 1.79 -34.52
C LEU C 297 40.52 0.91 -35.22
N GLY C 298 41.58 1.50 -35.73
CA GLY C 298 42.65 0.62 -36.30
C GLY C 298 42.25 -0.22 -37.49
N ASN C 299 41.23 0.22 -38.21
CA ASN C 299 40.85 -0.45 -39.41
C ASN C 299 41.16 0.51 -40.52
N ASP C 300 42.09 0.16 -41.39
CA ASP C 300 42.51 1.11 -42.36
CA ASP C 300 42.50 1.12 -42.42
C ASP C 300 41.52 1.09 -43.57
N LYS C 301 40.77 -0.02 -43.72
CA LYS C 301 39.78 -0.17 -44.83
CA LYS C 301 39.78 -0.15 -44.82
C LYS C 301 38.50 0.69 -44.62
N TYR C 302 37.97 0.69 -43.38
CA TYR C 302 36.69 1.44 -43.11
C TYR C 302 36.84 2.41 -41.95
N SER C 303 36.16 3.54 -42.09
CA SER C 303 36.22 4.72 -41.17
C SER C 303 35.17 4.64 -40.02
N THR C 304 33.93 4.43 -40.44
CA THR C 304 32.81 4.34 -39.49
C THR C 304 31.89 3.19 -39.84
N LEU C 305 31.24 2.72 -38.80
CA LEU C 305 30.14 1.78 -38.94
C LEU C 305 28.87 2.62 -38.76
N ASN C 306 28.01 2.64 -39.76
CA ASN C 306 26.88 3.54 -39.78
C ASN C 306 25.73 2.73 -39.24
N ALA C 307 25.26 3.06 -38.01
CA ALA C 307 24.35 2.13 -37.28
C ALA C 307 23.07 2.80 -36.85
N ALA C 308 21.94 2.06 -36.99
CA ALA C 308 20.63 2.56 -36.49
C ALA C 308 20.39 1.84 -35.21
N TYR C 309 19.72 2.52 -34.29
CA TYR C 309 19.32 1.94 -33.01
C TYR C 309 17.81 2.06 -32.87
N SER C 310 17.13 0.92 -32.64
CA SER C 310 15.69 0.89 -32.42
C SER C 310 15.28 1.81 -31.27
N PHE C 311 14.26 2.62 -31.52
CA PHE C 311 13.86 3.63 -30.46
C PHE C 311 12.46 3.23 -29.96
N TYR C 312 11.36 3.72 -30.57
CA TYR C 312 10.01 3.28 -30.16
C TYR C 312 9.20 2.82 -31.35
N ASN C 313 8.61 1.66 -31.23
CA ASN C 313 7.91 0.98 -32.35
C ASN C 313 6.58 0.50 -31.79
N VAL C 314 5.47 0.84 -32.48
CA VAL C 314 4.16 0.46 -32.01
C VAL C 314 3.32 -0.01 -33.20
N THR C 315 2.61 -1.13 -33.07
CA THR C 315 1.73 -1.53 -34.17
C THR C 315 0.37 -1.93 -33.57
N THR C 316 -0.63 -1.43 -34.25
CA THR C 316 -2.03 -1.85 -34.02
C THR C 316 -2.69 -2.43 -35.29
N THR C 317 -2.07 -2.39 -36.48
CA THR C 317 -2.70 -3.04 -37.65
C THR C 317 -1.90 -4.19 -38.20
N ALA C 318 -0.73 -4.52 -37.62
CA ALA C 318 0.11 -5.61 -38.07
C ALA C 318 0.70 -6.39 -36.87
N THR C 319 1.46 -7.44 -37.18
CA THR C 319 2.22 -8.10 -36.13
C THR C 319 3.44 -7.31 -35.76
N PHE C 320 3.96 -7.50 -34.54
CA PHE C 320 5.20 -6.82 -34.18
C PHE C 320 6.37 -7.29 -35.04
N LYS C 321 6.38 -8.59 -35.42
CA LYS C 321 7.37 -9.09 -36.35
CA LYS C 321 7.40 -9.06 -36.35
C LYS C 321 7.32 -8.34 -37.68
N GLN C 322 6.11 -8.20 -38.26
CA GLN C 322 5.97 -7.45 -39.53
C GLN C 322 6.46 -5.99 -39.39
N LEU C 323 6.10 -5.38 -38.26
CA LEU C 323 6.54 -3.98 -38.01
C LEU C 323 8.08 -3.87 -37.93
N MET C 324 8.67 -4.77 -37.15
CA MET C 324 10.14 -4.72 -37.03
C MET C 324 10.85 -5.10 -38.35
N GLN C 325 10.18 -5.93 -39.17
CA GLN C 325 10.78 -6.31 -40.44
C GLN C 325 10.79 -5.03 -41.30
N ASP C 326 9.69 -4.28 -41.24
CA ASP C 326 9.68 -2.96 -41.95
C ASP C 326 10.69 -1.95 -41.36
N ALA C 327 10.96 -1.98 -40.06
CA ALA C 327 11.97 -1.08 -39.45
C ALA C 327 13.34 -1.43 -40.00
N ILE C 328 13.70 -2.72 -40.13
CA ILE C 328 14.97 -3.18 -40.69
C ILE C 328 15.06 -2.62 -42.12
N LEU C 329 13.95 -2.80 -42.87
CA LEU C 329 13.95 -2.31 -44.25
CA LEU C 329 13.96 -2.32 -44.26
C LEU C 329 14.16 -0.81 -44.36
N LEU C 330 13.43 -0.06 -43.55
CA LEU C 330 13.60 1.37 -43.56
C LEU C 330 15.05 1.76 -43.17
N ALA C 331 15.68 1.06 -42.22
CA ALA C 331 17.09 1.35 -41.94
C ALA C 331 17.98 1.03 -43.16
N LYS C 332 17.71 -0.10 -43.83
CA LYS C 332 18.47 -0.42 -45.06
C LYS C 332 18.30 0.68 -46.11
N ARG C 333 17.06 1.14 -46.35
CA ARG C 333 16.85 2.14 -47.37
C ARG C 333 17.52 3.46 -47.04
N ASN C 334 17.76 3.72 -45.75
CA ASN C 334 18.46 4.93 -45.22
C ASN C 334 19.96 4.72 -44.99
N ASN C 335 20.50 3.69 -45.65
CA ASN C 335 21.95 3.55 -45.80
CA ASN C 335 21.92 3.42 -45.81
C ASN C 335 22.64 3.03 -44.53
N PHE C 336 21.88 2.47 -43.62
CA PHE C 336 22.47 1.89 -42.43
C PHE C 336 23.15 0.57 -42.68
N ASP C 337 24.26 0.32 -41.94
CA ASP C 337 25.02 -0.92 -42.09
C ASP C 337 24.43 -2.05 -41.18
N VAL C 338 23.72 -1.65 -40.08
CA VAL C 338 23.29 -2.60 -39.06
C VAL C 338 22.15 -1.94 -38.31
N PHE C 339 21.28 -2.76 -37.70
CA PHE C 339 20.10 -2.24 -36.94
C PHE C 339 20.25 -2.93 -35.56
N ASN C 340 20.45 -2.07 -34.52
CA ASN C 340 20.65 -2.56 -33.13
C ASN C 340 19.39 -2.42 -32.37
N ALA C 341 19.23 -3.30 -31.33
CA ALA C 341 18.05 -3.21 -30.48
C ALA C 341 18.37 -3.89 -29.15
N LEU C 342 17.59 -3.54 -28.15
CA LEU C 342 17.72 -4.18 -26.79
C LEU C 342 16.49 -5.09 -26.62
N GLU C 343 16.61 -6.05 -25.69
CA GLU C 343 15.46 -6.90 -25.27
C GLU C 343 14.47 -6.15 -24.35
N VAL C 344 14.07 -4.94 -24.74
CA VAL C 344 13.06 -4.20 -23.98
C VAL C 344 11.71 -4.21 -24.73
N MET C 345 10.67 -3.73 -24.00
CA MET C 345 9.33 -3.70 -24.61
C MET C 345 9.03 -5.07 -25.27
N GLN C 346 8.53 -5.06 -26.51
CA GLN C 346 8.16 -6.35 -27.22
C GLN C 346 9.34 -6.96 -28.01
N ASN C 347 10.55 -6.37 -27.95
CA ASN C 347 11.54 -6.71 -28.92
C ASN C 347 12.08 -8.14 -28.93
N LYS C 348 12.18 -8.74 -27.76
CA LYS C 348 12.79 -10.04 -27.67
CA LYS C 348 12.87 -10.02 -27.73
C LYS C 348 12.06 -11.04 -28.56
N SER C 349 10.73 -10.87 -28.63
CA SER C 349 9.81 -11.83 -29.34
C SER C 349 10.14 -11.95 -30.82
N VAL C 350 10.86 -10.98 -31.42
CA VAL C 350 11.10 -11.00 -32.86
C VAL C 350 12.55 -11.32 -33.26
N PHE C 351 13.50 -11.34 -32.29
CA PHE C 351 14.88 -11.42 -32.64
C PHE C 351 15.23 -12.72 -33.43
N GLU C 352 14.74 -13.86 -32.97
CA GLU C 352 15.09 -15.12 -33.65
C GLU C 352 14.52 -15.16 -35.10
N ASP C 353 13.25 -14.81 -35.25
CA ASP C 353 12.63 -14.90 -36.58
C ASP C 353 13.20 -13.90 -37.53
N LEU C 354 13.63 -12.72 -36.99
CA LEU C 354 14.19 -11.69 -37.86
C LEU C 354 15.69 -11.76 -38.06
N LYS C 355 16.31 -12.86 -37.60
CA LYS C 355 17.73 -13.12 -37.89
CA LYS C 355 17.71 -13.17 -37.84
C LYS C 355 18.65 -12.17 -37.13
N PHE C 356 18.21 -11.68 -35.96
CA PHE C 356 19.15 -10.88 -35.11
C PHE C 356 20.18 -11.77 -34.47
N GLY C 357 21.41 -11.34 -34.40
CA GLY C 357 22.43 -12.02 -33.55
C GLY C 357 22.52 -11.40 -32.15
N GLU C 358 22.75 -12.23 -31.14
CA GLU C 358 22.95 -11.76 -29.80
C GLU C 358 24.32 -11.14 -29.71
N GLY C 359 24.39 -9.97 -29.08
CA GLY C 359 25.63 -9.28 -28.86
C GLY C 359 26.48 -9.88 -27.71
N ASP C 360 27.53 -9.19 -27.34
CA ASP C 360 28.37 -9.80 -26.31
CA ASP C 360 28.61 -9.48 -26.39
C ASP C 360 28.26 -9.20 -24.91
N GLY C 361 27.18 -8.45 -24.69
CA GLY C 361 27.00 -7.85 -23.36
C GLY C 361 25.61 -7.27 -23.20
N SER C 362 25.47 -6.43 -22.18
CA SER C 362 24.16 -5.93 -21.88
C SER C 362 24.27 -4.49 -21.45
N LEU C 363 23.14 -3.80 -21.55
CA LEU C 363 23.01 -2.40 -21.05
C LEU C 363 22.18 -2.44 -19.77
N LYS C 364 22.73 -1.82 -18.75
CA LYS C 364 22.13 -1.78 -17.46
C LYS C 364 21.36 -0.50 -17.33
N TYR C 365 20.17 -0.52 -16.76
CA TYR C 365 19.37 0.69 -16.46
C TYR C 365 19.49 0.94 -14.97
N TYR C 366 19.69 2.23 -14.61
CA TYR C 366 19.91 2.59 -13.18
C TYR C 366 19.01 3.75 -12.84
N LEU C 367 18.56 3.86 -11.60
CA LEU C 367 17.98 5.09 -11.03
C LEU C 367 18.86 5.59 -9.89
N TYR C 368 18.82 6.90 -9.71
CA TYR C 368 19.53 7.54 -8.59
C TYR C 368 18.47 7.99 -7.62
N ASN C 369 18.70 7.70 -6.32
CA ASN C 369 17.77 8.07 -5.23
C ASN C 369 16.37 7.49 -5.42
N TRP C 370 16.35 6.23 -5.81
CA TRP C 370 15.02 5.52 -5.94
C TRP C 370 15.23 4.07 -5.66
N LYS C 371 14.49 3.61 -4.64
CA LYS C 371 14.47 2.21 -4.20
C LYS C 371 13.23 1.50 -4.80
N CYS C 372 13.42 0.40 -5.49
CA CYS C 372 12.29 -0.39 -6.00
C CYS C 372 12.83 -1.76 -6.36
N ALA C 373 11.93 -2.73 -6.55
CA ALA C 373 12.42 -4.03 -7.05
C ALA C 373 12.98 -3.95 -8.49
N SER C 374 13.99 -4.75 -8.76
CA SER C 374 14.46 -4.84 -10.12
C SER C 374 13.47 -5.68 -10.90
N PHE C 375 13.56 -5.58 -12.22
CA PHE C 375 12.60 -6.34 -13.07
C PHE C 375 13.19 -6.70 -14.40
N ALA C 376 12.55 -7.66 -15.09
CA ALA C 376 13.01 -8.12 -16.36
C ALA C 376 12.84 -7.07 -17.45
N PRO C 377 13.74 -7.15 -18.43
CA PRO C 377 13.74 -6.00 -19.40
C PRO C 377 12.54 -5.88 -20.32
N ALA C 378 11.72 -6.94 -20.45
CA ALA C 378 10.44 -6.77 -21.20
C ALA C 378 9.60 -5.72 -20.53
N HIS C 379 9.85 -5.46 -19.24
CA HIS C 379 9.05 -4.45 -18.55
C HIS C 379 9.63 -3.01 -18.61
N VAL C 380 10.78 -2.91 -19.28
CA VAL C 380 11.39 -1.60 -19.56
C VAL C 380 10.72 -0.99 -20.79
N GLY C 381 10.25 0.24 -20.64
CA GLY C 381 9.59 0.92 -21.77
C GLY C 381 10.26 2.23 -22.11
N ILE C 382 11.59 2.26 -21.93
CA ILE C 382 12.30 3.53 -22.24
C ILE C 382 13.59 3.14 -22.88
N VAL C 383 13.94 3.90 -23.92
CA VAL C 383 15.21 3.72 -24.66
C VAL C 383 15.97 5.02 -24.55
N LEU C 384 17.15 4.94 -23.95
CA LEU C 384 18.03 6.12 -23.78
CA LEU C 384 17.96 6.12 -23.79
C LEU C 384 18.97 6.24 -24.97
N LEU C 385 19.65 7.37 -25.06
CA LEU C 385 20.43 7.67 -26.26
C LEU C 385 21.90 7.18 -26.01
C 80O D . -10.59 -25.96 20.08
O 80O D . -9.56 -26.28 21.01
C1 80O D . -8.97 -25.27 21.80
C19 80O D . -9.35 -23.93 21.61
C5 80O D . -8.72 -22.95 22.36
C4 80O D . -7.78 -23.32 23.33
C3 80O D . -7.37 -24.64 23.54
C2 80O D . -8.01 -25.64 22.82
C6 80O D . -9.10 -21.47 22.15
C7 80O D . -7.92 -20.67 21.59
N1 80O D . -7.67 -20.63 20.30
C8 80O D . -6.58 -19.90 20.00
O1 80O D . -5.81 -19.46 20.85
N 80O D . -7.17 -20.10 22.49
C9 80O D . -6.41 -19.64 18.55
C13 80O D . -5.09 -19.63 18.00
N2 80O D . -4.91 -19.30 16.73
C12 80O D . -5.95 -19.05 15.90
C11 80O D . -7.27 -19.06 16.37
C10 80O D . -7.49 -19.33 17.72
O2 80O D . -4.02 -19.96 18.80
C14 80O D . -2.78 -20.42 18.11
C18 80O D . -1.77 -19.29 18.19
C17 80O D . -1.38 -18.93 19.65
N3 80O D . -0.97 -20.20 20.31
C16 80O D . -1.93 -21.32 20.30
C15 80O D . -2.37 -21.66 18.88
S1 NHW E . 0.35 -18.80 26.11
C2 NHW E . 0.12 -20.47 26.88
C3 NHW E . 0.85 -20.57 28.25
N4 NHW E . 0.62 -21.96 28.77
C5 NHW E . -0.57 -22.35 29.28
O5 NHW E . -1.57 -21.61 29.42
C6 NHW E . -0.54 -23.87 29.62
C7 NHW E . -1.45 -24.20 30.85
N8 NHW E . -1.15 -23.36 32.03
C9 NHW E . 0.04 -23.49 32.66
O9 NHW E . 0.90 -24.36 32.41
CP NHW E . 1.78 -19.11 24.97
C10 NHW E . 0.26 -22.57 33.83
O10 NHW E . -1.01 -22.05 34.25
C11 NHW E . 1.25 -21.39 33.50
C12 NHW E . 1.33 -20.38 34.69
C13 NHW E . 0.80 -20.57 32.24
C14 NHW E . 2.64 -22.03 33.32
N1A NHW E . 2.28 -15.97 30.09
O1A NHW E . 2.06 -19.24 40.20
P1A NHW E . 2.48 -19.34 38.78
C1M NHW E . 3.11 -19.02 25.71
O1M NHW E . 3.64 -20.06 26.11
C1X NHW E . 1.78 -15.24 35.11
C2A NHW E . 2.95 -15.21 30.96
O2A NHW E . 3.58 -20.24 38.48
P2A NHW E . 0.79 -21.10 37.20
C2M NHW E . 3.63 -17.63 25.98
C2X NHW E . 0.68 -14.71 36.07
O2X NHW E . 0.15 -13.46 35.52
N3A NHW E . 2.75 -15.09 32.28
O3A NHW E . 1.16 -19.69 37.89
C3M NHW E . 4.42 -17.65 27.33
C3X NHW E . 1.47 -14.59 37.37
O3X NHW E . 2.27 -13.38 37.38
P3X NHW E . 1.64 -12.08 38.18
C4A NHW E . 1.70 -15.82 32.75
O4A NHW E . 1.16 -22.20 38.03
C4M NHW E . 5.04 -16.24 27.57
C4X NHW E . 2.48 -15.72 37.34
O4X NHW E . 2.48 -16.24 35.98
C5A NHW E . 0.99 -16.62 31.88
O5A NHW E . -0.59 -20.89 36.79
C5M NHW E . 5.83 -16.19 28.87
C5X NHW E . 1.85 -16.82 38.20
O5X NHW E . 2.84 -17.89 38.17
C6A NHW E . 1.25 -16.70 30.49
N6A NHW E . 0.53 -17.41 29.62
O6A NHW E . 1.68 -21.11 35.86
C6M NHW E . 6.41 -14.77 29.11
N7A NHW E . 0.02 -17.22 32.69
O7A NHW E . 2.56 -10.87 37.86
C7M NHW E . 7.64 -14.50 28.20
C8A NHW E . 0.19 -16.80 33.93
O8A NHW E . 0.23 -11.93 37.69
C8M NHW E . 8.25 -13.09 28.46
N9A NHW E . 1.24 -15.93 33.97
O9A NHW E . 1.64 -12.45 39.61
C9M NHW E . 9.53 -12.93 27.57
CAM NHW E . 10.74 -13.76 28.10
CBM NHW E . 12.01 -13.59 27.22
CCM NHW E . 12.58 -12.15 27.26
CDM NHW E . 13.86 -12.08 26.38
CEM NHW E . 14.45 -10.61 26.33
S SO4 F . -14.43 -6.35 19.29
O1 SO4 F . -13.86 -7.60 19.78
O2 SO4 F . -14.26 -5.38 20.42
O3 SO4 F . -15.83 -6.68 19.09
O4 SO4 F . -13.83 -5.76 18.08
MG MG G . 3.44 -22.88 39.74
CL CL H . -9.68 -28.65 -8.36
CL CL I . -4.84 1.29 15.10
CL CL J . -23.14 -29.62 20.00
S DMS K . 7.98 -17.65 13.31
O DMS K . 7.27 -16.29 13.62
C1 DMS K . 8.37 -17.26 11.73
C2 DMS K . 6.84 -18.92 13.44
S DMS L . -4.65 -34.61 9.35
O DMS L . -3.45 -33.95 10.00
C1 DMS L . -6.02 -33.68 9.71
C2 DMS L . -4.91 -36.24 9.72
C 80O M . -29.05 8.51 17.96
O 80O M . -29.83 9.05 16.84
C1 80O M . -29.73 8.36 15.65
C19 80O M . -28.82 7.29 15.58
C5 80O M . -28.72 6.62 14.34
C4 80O M . -29.52 7.02 13.26
C3 80O M . -30.43 8.08 13.39
C2 80O M . -30.52 8.73 14.59
C6 80O M . -27.70 5.45 14.20
C7 80O M . -26.61 5.86 13.19
N1 80O M . -25.52 6.47 13.57
C8 80O M . -24.65 6.82 12.64
O1 80O M . -24.89 6.66 11.45
N 80O M . -26.82 5.56 11.92
C9 80O M . -23.31 7.34 13.04
C13 80O M . -22.66 8.26 12.29
N2 80O M . -21.43 8.65 12.61
C12 80O M . -20.80 8.21 13.71
C11 80O M . -21.46 7.33 14.55
C10 80O M . -22.71 6.87 14.22
O2 80O M . -23.28 8.77 11.24
C14 80O M . -22.87 10.10 10.76
C18 80O M . -22.01 9.93 9.49
C17 80O M . -22.89 9.36 8.36
N3 80O M . -24.13 10.28 8.11
C16 80O M . -24.94 10.35 9.36
C15 80O M . -24.09 11.00 10.49
S1 NHW N . -27.51 7.77 3.83
C2 NHW N . -29.10 8.56 4.29
C3 NHW N . -30.08 8.41 3.19
N4 NHW N . -31.36 9.03 3.59
C5 NHW N . -32.25 8.41 4.40
O5 NHW N . -32.08 7.27 4.85
C6 NHW N . -33.45 9.32 4.84
C7 NHW N . -34.84 8.60 5.10
N8 NHW N . -35.12 7.68 3.96
C9 NHW N . -35.47 8.23 2.77
O9 NHW N . -35.55 9.46 2.63
CP NHW N . -26.51 9.26 3.44
C10 NHW N . -35.82 7.25 1.68
O10 NHW N . -36.05 5.98 2.29
C11 NHW N . -34.66 7.18 0.64
C12 NHW N . -34.96 5.99 -0.30
C13 NHW N . -33.26 6.86 1.38
C14 NHW N . -34.61 8.50 -0.18
N1A NHW N . -28.63 5.28 -0.78
O1A NHW N . -38.50 3.44 -4.09
P1A NHW N . -37.39 4.39 -3.66
C1M NHW N . -26.84 9.68 2.02
O1M NHW N . -27.59 10.65 1.81
C1X NHW N . -32.22 2.52 -3.02
C2A NHW N . -28.65 4.83 -2.06
O2A NHW N . -37.50 5.79 -4.07
P2A NHW N . -37.47 5.21 -0.90
C2M NHW N . -26.08 8.98 0.94
C2X NHW N . -32.83 1.18 -2.76
O2X NHW N . -31.78 0.22 -2.66
N3A NHW N . -29.69 4.11 -2.48
O3A NHW N . -37.14 4.20 -2.11
C3M NHW N . -26.94 8.93 -0.35
C3X NHW N . -33.59 0.93 -4.08
O3X NHW N . -32.72 0.61 -5.16
P3X NHW N . -32.77 -0.98 -5.63
C4A NHW N . -30.72 3.91 -1.60
O4A NHW N . -38.72 5.97 -1.13
C4M NHW N . -26.21 8.23 -1.49
C4X NHW N . -34.18 2.33 -4.35
O4X NHW N . -33.34 3.26 -3.53
C5A NHW N . -30.66 4.30 -0.23
O5A NHW N . -37.31 4.40 0.33
C5M NHW N . -27.10 8.05 -2.77
C5X NHW N . -35.62 2.50 -3.99
O5X NHW N . -35.98 3.81 -4.18
C6A NHW N . -29.55 5.01 0.13
N6A NHW N . -29.36 5.44 1.42
O6A NHW N . -36.29 6.31 -0.91
C6M NHW N . -26.33 7.27 -3.91
N7A NHW N . -31.76 3.83 0.44
O7A NHW N . -31.66 -1.16 -6.61
C7M NHW N . -25.25 8.21 -4.53
C8A NHW N . -32.51 3.21 -0.54
O8A NHW N . -32.50 -1.73 -4.33
C8M NHW N . -24.38 7.48 -5.63
N9A NHW N . -31.79 3.19 -1.74
O9A NHW N . -34.08 -1.42 -6.14
C9M NHW N . -23.41 8.44 -6.37
CAM NHW N . -24.18 9.50 -7.28
CBM NHW N . -23.12 10.47 -7.96
CCM NHW N . -22.20 9.76 -8.91
CDM NHW N . -21.24 10.85 -9.59
CEM NHW N . -20.15 10.16 -10.43
S SO4 O . -17.84 -7.24 14.01
O1 SO4 O . -18.14 -8.02 15.20
O2 SO4 O . -18.01 -8.18 12.89
O3 SO4 O . -18.98 -6.31 13.76
O4 SO4 O . -16.46 -6.67 13.92
MG MG P . -40.10 7.08 -3.57
CL CL Q . -32.78 6.04 -17.06
CL CL R . -8.05 -5.23 5.46
S DMS S . -15.40 16.55 3.62
O DMS S . -14.98 15.06 3.47
C1 DMS S . -13.91 17.26 4.15
C2 DMS S . -16.58 16.69 4.95
S DMS T . -25.43 21.94 21.46
O DMS T . -25.04 22.09 19.95
C1 DMS T . -25.65 23.36 22.42
C2 DMS T . -24.39 21.01 22.41
C 80O U . 29.57 -1.10 -32.31
O 80O U . 29.99 0.03 -31.54
C1 80O U . 30.04 -0.02 -30.13
C19 80O U . 29.31 -0.98 -29.38
C5 80O U . 29.39 -0.95 -27.97
C4 80O U . 30.16 0.01 -27.30
C3 80O U . 30.85 0.98 -28.09
C2 80O U . 30.79 0.99 -29.48
C6 80O U . 28.63 -1.97 -27.06
C7 80O U . 27.32 -1.32 -26.49
N1 80O U . 26.16 -1.25 -27.16
C8 80O U . 25.19 -0.63 -26.52
O1 80O U . 25.39 -0.05 -25.45
N 80O U . 27.40 -0.84 -25.27
C9 80O U . 23.82 -0.59 -27.07
C13 80O U . 22.97 0.54 -26.97
N2 80O U . 21.74 0.47 -27.43
C12 80O U . 21.26 -0.59 -28.06
C11 80O U . 22.08 -1.68 -28.35
C10 80O U . 23.38 -1.67 -27.80
O2 80O U . 23.43 1.65 -26.37
C14 80O U . 22.82 2.95 -26.71
C18 80O U . 22.01 3.33 -25.49
C17 80O U . 22.84 3.58 -24.25
N3 80O U . 23.85 4.65 -24.57
C16 80O U . 24.77 4.15 -25.62
C15 80O U . 24.00 3.93 -26.95
S1 NHW V . 27.43 5.26 -19.73
C2 NHW V . 28.94 5.84 -20.66
C3 NHW V . 29.90 6.52 -19.64
N4 NHW V . 31.08 6.94 -20.41
C5 NHW V . 32.12 6.14 -20.79
O5 NHW V . 32.13 4.93 -20.57
C6 NHW V . 33.12 6.96 -21.64
C7 NHW V . 34.57 6.35 -21.55
N8 NHW V . 35.00 6.23 -20.17
C9 NHW V . 35.26 7.33 -19.45
O9 NHW V . 35.16 8.49 -19.90
CP NHW V . 26.27 6.65 -20.15
C10 NHW V . 35.69 7.10 -18.03
O10 NHW V . 36.05 5.81 -17.80
C11 NHW V . 34.52 7.46 -17.04
C12 NHW V . 34.84 7.06 -15.60
C13 NHW V . 33.24 6.71 -17.39
C14 NHW V . 34.28 9.00 -17.05
N1A NHW V . 28.49 5.61 -14.67
O1A NHW V . 38.58 7.20 -11.17
P1A NHW V . 37.34 7.67 -11.97
C1M NHW V . 26.38 7.76 -19.15
O1M NHW V . 27.08 8.76 -19.46
C1X NHW V . 32.39 5.22 -11.33
C2A NHW V . 28.52 5.90 -13.34
O2A NHW V . 37.25 9.05 -12.42
P2A NHW V . 37.38 6.89 -14.80
C2M NHW V . 25.96 7.54 -17.76
C2X NHW V . 33.17 4.02 -10.78
O2X NHW V . 32.16 3.07 -10.43
N3A NHW V . 29.63 5.75 -12.58
O3A NHW V . 37.14 6.61 -13.27
C3M NHW V . 26.68 8.41 -16.69
C3X NHW V . 33.93 4.58 -9.60
O3X NHW V . 33.13 4.78 -8.44
P3X NHW V . 33.29 3.64 -7.27
C4A NHW V . 30.75 5.29 -13.15
O4A NHW V . 38.56 7.83 -14.95
C4M NHW V . 25.99 8.20 -15.31
C4X NHW V . 34.27 5.99 -10.11
O4X NHW V . 33.42 6.27 -11.27
C5A NHW V . 30.78 4.95 -14.52
O5A NHW V . 37.42 5.53 -15.37
C5M NHW V . 26.74 8.97 -14.24
C5X NHW V . 35.66 5.92 -10.72
O5X NHW V . 35.98 7.34 -11.14
C6A NHW V . 29.61 5.13 -15.26
N6A NHW V . 29.52 4.83 -16.56
O6A NHW V . 36.11 7.75 -15.23
C6M NHW V . 26.04 8.80 -12.86
N7A NHW V . 32.06 4.52 -14.85
O7A NHW V . 32.24 3.97 -6.31
C7M NHW V . 24.79 9.75 -12.78
C8A NHW V . 32.77 4.58 -13.69
O8A NHW V . 32.96 2.30 -7.97
C8M NHW V . 24.16 9.62 -11.37
N9A NHW V . 31.98 5.06 -12.70
O9A NHW V . 34.71 3.64 -6.80
C9M NHW V . 22.93 10.55 -11.25
CAM NHW V . 23.46 12.07 -11.15
CBM NHW V . 22.33 13.10 -11.00
CCM NHW V . 21.39 12.90 -9.79
CDM NHW V . 20.32 13.98 -9.72
CEM NHW V . 19.30 13.75 -8.56
MG MG W . 39.68 10.17 -13.53
CL CL X . 31.87 15.47 -1.27
S DMS Y . 14.23 10.97 -23.62
O DMS Y . 14.00 9.72 -22.71
C1 DMS Y . 12.77 10.95 -24.54
C2 DMS Y . 15.44 10.49 -24.78
#